data_3VXC
#
_entry.id   3VXC
#
_cell.length_a   103.672
_cell.length_b   163.157
_cell.length_c   42.931
_cell.angle_alpha   90.00
_cell.angle_beta   90.00
_cell.angle_gamma   90.00
#
_symmetry.space_group_name_H-M   'P 21 21 2'
#
loop_
_entity.id
_entity.type
_entity.pdbx_description
1 polymer 'Putative sugar-binding lipoprotein'
2 branched beta-D-xylopyranose-(1-4)-beta-D-xylopyranose
3 water water
#
_entity_poly.entity_id   1
_entity_poly.type   'polypeptide(L)'
_entity_poly.pdbx_seq_one_letter_code
;MQSYSRRWFLGAGATTLISAAGLTACGSGSGSGGSGGTITAMVYGDDAVKVQDKAASRFNASAEAKKANAKVKMERIPAS
DYPAKLRTAMGSPNAPDIFFNWGGGSIKAYKEAGQLVDLTDVIKSDEVLSTGFLPSVVAAGSLDGHEYGIPMRGMQPVLL
FYNKSVFAEHKLTPPTTWDQLLDNVAKLKKAGVTPFALGGVEIWPELMWLEYLVDRIGGPQVFDKIRNGDASGWGDPAVL
KAAQTVKQLVDEGAFGKGFSSVSYNNGGAPALLAKGKAGMHLMGSWEYSTQLGKFPDFAKKDLGWCAFPSFEGGAGDIRN
VVGNPCNYWSVNARTGNKDGAIAFLRDCASEAYTKDLIDNGDVPTTTIAENMLDSSPNPEFAKFQYQLVQKAPNFTLSWD
QAVDPDWQQPMLTEINKLFVGKSSPEQFVSALKGLK
;
_entity_poly.pdbx_strand_id   A,B
#
loop_
_chem_comp.id
_chem_comp.type
_chem_comp.name
_chem_comp.formula
XYP D-saccharide, beta linking beta-D-xylopyranose 'C5 H10 O5'
#
# COMPACT_ATOMS: atom_id res chain seq x y z
N THR A 38 14.34 27.30 7.46
CA THR A 38 15.11 26.01 7.30
C THR A 38 14.18 24.71 7.36
N ILE A 39 13.35 24.41 8.38
CA ILE A 39 12.55 23.14 8.38
C ILE A 39 11.14 23.41 7.79
N THR A 40 10.77 22.86 6.63
CA THR A 40 9.40 23.12 6.15
C THR A 40 8.38 22.09 6.72
N ALA A 41 7.18 22.58 7.05
CA ALA A 41 6.17 21.76 7.72
C ALA A 41 4.88 21.89 6.96
N MET A 42 4.46 20.78 6.31
CA MET A 42 3.29 20.92 5.49
C MET A 42 2.09 20.57 6.34
N VAL A 43 1.09 21.44 6.39
CA VAL A 43 0.03 21.31 7.42
C VAL A 43 -1.34 21.57 6.80
N TYR A 44 -2.33 20.91 7.39
CA TYR A 44 -3.73 21.00 7.00
C TYR A 44 -4.30 22.36 7.38
N GLY A 45 -4.67 23.15 6.39
CA GLY A 45 -4.84 24.59 6.62
C GLY A 45 -6.22 25.07 7.03
N ASP A 46 -6.94 24.31 7.87
CA ASP A 46 -8.22 24.78 8.45
C ASP A 46 -7.92 25.77 9.60
N ASP A 47 -8.98 26.25 10.25
CA ASP A 47 -8.85 27.36 11.24
C ASP A 47 -7.89 26.90 12.34
N ALA A 48 -7.89 25.59 12.63
CA ALA A 48 -7.01 25.06 13.69
C ALA A 48 -5.53 25.31 13.49
N VAL A 49 -5.16 25.67 12.27
CA VAL A 49 -3.75 25.81 11.92
C VAL A 49 -3.13 27.01 12.70
N LYS A 50 -3.98 27.85 13.28
CA LYS A 50 -3.47 28.95 14.17
C LYS A 50 -2.56 28.41 15.29
N VAL A 51 -2.90 27.24 15.83
CA VAL A 51 -2.10 26.63 16.91
C VAL A 51 -0.70 26.26 16.37
N GLN A 52 -0.66 25.72 15.13
CA GLN A 52 0.70 25.45 14.57
C GLN A 52 1.48 26.72 14.16
N ASP A 53 0.78 27.78 13.77
CA ASP A 53 1.46 29.03 13.45
C ASP A 53 2.04 29.59 14.77
N LYS A 54 1.29 29.47 15.84
CA LYS A 54 1.76 29.94 17.16
C LYS A 54 2.99 29.11 17.58
N ALA A 55 2.97 27.81 17.27
CA ALA A 55 4.12 26.95 17.61
C ALA A 55 5.37 27.35 16.80
N ALA A 56 5.20 27.60 15.51
CA ALA A 56 6.29 28.05 14.71
C ALA A 56 6.81 29.39 15.28
N SER A 57 5.92 30.30 15.64
CA SER A 57 6.42 31.62 16.16
C SER A 57 7.27 31.38 17.40
N ARG A 58 6.76 30.57 18.32
CA ARG A 58 7.39 30.31 19.60
C ARG A 58 8.75 29.61 19.36
N PHE A 59 8.73 28.56 18.55
CA PHE A 59 9.96 27.78 18.32
C PHE A 59 11.04 28.69 17.70
N ASN A 60 10.65 29.46 16.71
CA ASN A 60 11.63 30.30 15.97
C ASN A 60 12.25 31.37 16.85
N ALA A 61 11.53 31.77 17.92
CA ALA A 61 12.10 32.74 18.91
C ALA A 61 12.79 32.08 20.13
N SER A 62 12.89 30.76 20.16
CA SER A 62 13.34 30.06 21.37
C SER A 62 14.83 29.78 21.31
N ALA A 63 15.43 29.55 22.48
CA ALA A 63 16.85 29.24 22.58
C ALA A 63 17.15 27.86 22.01
N GLU A 64 16.20 26.95 22.16
CA GLU A 64 16.30 25.62 21.61
C GLU A 64 16.45 25.64 20.08
N ALA A 65 15.76 26.55 19.40
CA ALA A 65 15.86 26.63 17.95
C ALA A 65 17.23 27.10 17.48
N LYS A 66 17.79 28.12 18.15
CA LYS A 66 19.16 28.52 17.76
C LYS A 66 20.19 27.43 18.10
N LYS A 67 20.01 26.77 19.25
CA LYS A 67 20.83 25.62 19.68
C LYS A 67 20.90 24.52 18.61
N ALA A 68 19.77 24.24 17.97
CA ALA A 68 19.71 23.25 16.88
C ALA A 68 19.93 23.84 15.48
N ASN A 69 20.32 25.11 15.40
CA ASN A 69 20.49 25.79 14.10
C ASN A 69 19.30 25.64 13.13
N ALA A 70 18.10 25.98 13.60
CA ALA A 70 16.87 25.67 12.86
C ALA A 70 15.82 26.74 13.01
N LYS A 71 15.01 26.91 11.98
CA LYS A 71 13.78 27.68 12.09
C LYS A 71 12.73 26.78 11.39
N VAL A 72 11.45 26.97 11.70
CA VAL A 72 10.40 26.24 11.02
C VAL A 72 9.53 27.18 10.18
N LYS A 73 9.05 26.68 9.04
CA LYS A 73 8.12 27.45 8.20
C LYS A 73 6.93 26.56 7.88
N MET A 74 5.71 26.98 8.25
CA MET A 74 4.49 26.25 7.94
C MET A 74 4.17 26.47 6.47
N GLU A 75 3.81 25.39 5.78
CA GLU A 75 3.39 25.41 4.40
C GLU A 75 1.95 24.98 4.51
N ARG A 76 1.05 25.95 4.48
CA ARG A 76 -0.36 25.67 4.82
C ARG A 76 -1.04 25.22 3.54
N ILE A 77 -1.77 24.12 3.60
CA ILE A 77 -2.36 23.56 2.37
C ILE A 77 -3.87 23.44 2.62
N PRO A 78 -4.72 23.91 1.68
CA PRO A 78 -6.15 23.96 2.09
C PRO A 78 -6.70 22.59 2.40
N ALA A 79 -7.61 22.52 3.35
CA ALA A 79 -8.15 21.23 3.78
C ALA A 79 -8.67 20.41 2.62
N SER A 80 -9.37 21.06 1.68
CA SER A 80 -10.20 20.35 0.70
C SER A 80 -9.42 19.40 -0.20
N ASP A 81 -8.14 19.67 -0.44
CA ASP A 81 -7.42 18.75 -1.34
C ASP A 81 -6.09 18.35 -0.71
N TYR A 82 -6.08 18.34 0.63
CA TYR A 82 -4.83 18.08 1.34
C TYR A 82 -4.15 16.74 0.93
N PRO A 83 -4.85 15.58 0.92
CA PRO A 83 -4.10 14.38 0.64
C PRO A 83 -3.46 14.37 -0.77
N ALA A 84 -4.19 14.84 -1.79
CA ALA A 84 -3.62 14.99 -3.15
C ALA A 84 -2.43 15.95 -3.21
N LYS A 85 -2.55 17.11 -2.56
CA LYS A 85 -1.45 18.10 -2.61
C LYS A 85 -0.21 17.64 -1.87
N LEU A 86 -0.45 16.93 -0.77
CA LEU A 86 0.64 16.34 -0.02
C LEU A 86 1.34 15.29 -0.92
N ARG A 87 0.58 14.44 -1.58
CA ARG A 87 1.23 13.43 -2.43
C ARG A 87 2.11 14.06 -3.56
N THR A 88 1.57 15.07 -4.25
CA THR A 88 2.35 15.82 -5.26
C THR A 88 3.59 16.45 -4.63
N ALA A 89 3.44 17.08 -3.47
CA ALA A 89 4.61 17.67 -2.83
C ALA A 89 5.70 16.62 -2.43
N MET A 90 5.25 15.44 -1.96
CA MET A 90 6.19 14.42 -1.51
C MET A 90 7.00 13.86 -2.67
N GLY A 91 6.42 13.89 -3.88
CA GLY A 91 7.18 13.48 -5.07
C GLY A 91 7.97 14.60 -5.71
N SER A 92 7.97 15.79 -5.11
CA SER A 92 8.62 16.99 -5.74
C SER A 92 10.04 17.18 -5.19
N PRO A 93 10.87 17.97 -5.89
CA PRO A 93 12.19 18.28 -5.32
C PRO A 93 12.05 19.12 -4.04
N ASN A 94 10.90 19.75 -3.82
CA ASN A 94 10.76 20.57 -2.60
C ASN A 94 9.85 19.90 -1.56
N ALA A 95 10.02 18.61 -1.33
CA ALA A 95 9.16 17.85 -0.40
C ALA A 95 9.31 18.41 1.00
N PRO A 96 8.22 18.40 1.79
CA PRO A 96 8.34 18.98 3.10
C PRO A 96 9.18 18.13 4.07
N ASP A 97 9.79 18.79 5.04
CA ASP A 97 10.65 18.07 6.01
C ASP A 97 9.79 17.31 6.99
N ILE A 98 8.69 17.94 7.40
CA ILE A 98 7.67 17.22 8.21
C ILE A 98 6.33 17.48 7.65
N PHE A 99 5.41 16.56 7.91
CA PHE A 99 4.06 16.74 7.36
C PHE A 99 2.96 16.15 8.21
N PHE A 100 1.78 16.74 8.04
CA PHE A 100 0.62 16.44 8.84
C PHE A 100 -0.01 15.19 8.27
N ASN A 101 -0.46 14.30 9.15
CA ASN A 101 -1.19 13.09 8.73
C ASN A 101 -2.13 12.53 9.81
N TRP A 102 -2.75 11.40 9.53
CA TRP A 102 -3.72 10.82 10.44
C TRP A 102 -3.26 9.44 10.88
N GLY A 103 -2.02 9.08 10.54
CA GLY A 103 -1.58 7.68 10.82
C GLY A 103 -2.28 6.75 9.81
N GLY A 104 -2.13 5.45 10.02
CA GLY A 104 -2.81 4.46 9.19
C GLY A 104 -2.55 4.59 7.69
N GLY A 105 -3.63 4.50 6.90
CA GLY A 105 -3.49 4.55 5.44
C GLY A 105 -2.94 5.89 4.94
N SER A 106 -3.07 6.94 5.75
CA SER A 106 -2.52 8.22 5.35
C SER A 106 -0.98 8.25 5.34
N ILE A 107 -0.34 7.25 5.97
CA ILE A 107 1.13 7.13 5.90
C ILE A 107 1.66 5.79 5.35
N LYS A 108 0.78 4.83 5.21
CA LYS A 108 1.17 3.46 4.86
C LYS A 108 1.99 3.50 3.60
N ALA A 109 1.51 4.21 2.56
CA ALA A 109 2.33 4.23 1.33
C ALA A 109 3.70 4.95 1.46
N TYR A 110 3.70 6.11 2.11
CA TYR A 110 4.97 6.85 2.34
C TYR A 110 5.92 5.97 3.14
N LYS A 111 5.42 5.24 4.14
CA LYS A 111 6.31 4.34 4.90
C LYS A 111 6.87 3.25 3.94
N GLU A 112 6.01 2.60 3.16
CA GLU A 112 6.45 1.49 2.29
C GLU A 112 7.36 1.95 1.20
N ALA A 113 7.24 3.23 0.84
CA ALA A 113 8.06 3.85 -0.19
C ALA A 113 9.37 4.43 0.33
N GLY A 114 9.70 4.16 1.60
CA GLY A 114 10.99 4.60 2.19
C GLY A 114 11.01 6.09 2.52
N GLN A 115 9.84 6.74 2.55
CA GLN A 115 9.85 8.21 2.66
C GLN A 115 9.91 8.75 4.09
N LEU A 116 9.85 7.89 5.11
CA LEU A 116 9.70 8.40 6.49
C LEU A 116 10.84 7.96 7.33
N VAL A 117 11.16 8.78 8.32
CA VAL A 117 12.07 8.37 9.40
C VAL A 117 11.28 7.55 10.42
N ASP A 118 11.84 6.38 10.76
CA ASP A 118 11.30 5.59 11.85
C ASP A 118 11.69 6.28 13.13
N LEU A 119 10.69 6.77 13.87
CA LEU A 119 10.91 7.58 15.05
C LEU A 119 11.05 6.73 16.34
N THR A 120 10.98 5.41 16.23
CA THR A 120 10.94 4.59 17.45
C THR A 120 12.11 4.92 18.37
N ASP A 121 13.33 4.85 17.84
CA ASP A 121 14.53 5.06 18.67
C ASP A 121 14.73 6.51 19.06
N VAL A 122 14.40 7.44 18.15
CA VAL A 122 14.39 8.89 18.44
C VAL A 122 13.54 9.13 19.67
N ILE A 123 12.34 8.54 19.66
CA ILE A 123 11.38 8.78 20.75
C ILE A 123 11.92 8.19 22.05
N LYS A 124 12.38 6.97 21.95
CA LYS A 124 12.92 6.24 23.12
C LYS A 124 14.08 6.97 23.79
N SER A 125 14.96 7.59 23.00
CA SER A 125 16.19 8.28 23.41
C SER A 125 15.99 9.69 23.94
N ASP A 126 14.83 10.30 23.65
CA ASP A 126 14.64 11.68 23.93
C ASP A 126 13.69 11.76 25.11
N GLU A 127 14.16 12.27 26.24
CA GLU A 127 13.32 12.26 27.43
C GLU A 127 11.93 12.92 27.21
N VAL A 128 11.92 14.05 26.50
CA VAL A 128 10.70 14.88 26.37
C VAL A 128 9.72 14.13 25.52
N LEU A 129 10.19 13.57 24.40
CA LEU A 129 9.29 12.81 23.51
C LEU A 129 8.84 11.51 24.11
N SER A 130 9.78 10.85 24.82
CA SER A 130 9.50 9.55 25.43
C SER A 130 8.35 9.57 26.41
N THR A 131 8.28 10.62 27.21
CA THR A 131 7.24 10.70 28.25
C THR A 131 6.20 11.78 27.95
N GLY A 132 6.20 12.30 26.74
CA GLY A 132 5.39 13.46 26.45
C GLY A 132 3.96 13.22 26.04
N PHE A 133 3.61 12.00 25.62
CA PHE A 133 2.28 11.73 25.02
C PHE A 133 1.62 10.48 25.56
N LEU A 134 0.29 10.45 25.50
CA LEU A 134 -0.47 9.21 25.88
C LEU A 134 0.07 8.10 24.97
N PRO A 135 0.51 6.96 25.55
CA PRO A 135 1.12 5.92 24.74
C PRO A 135 0.15 5.35 23.72
N SER A 136 -1.14 5.27 24.05
CA SER A 136 -2.13 4.78 23.08
C SER A 136 -2.19 5.70 21.80
N VAL A 137 -2.04 7.00 22.02
CA VAL A 137 -2.07 7.95 20.89
C VAL A 137 -0.80 7.80 20.04
N VAL A 138 0.37 7.58 20.66
CA VAL A 138 1.62 7.36 19.89
C VAL A 138 1.48 6.06 19.12
N ALA A 139 0.87 5.03 19.75
CA ALA A 139 0.66 3.77 19.06
C ALA A 139 -0.17 3.97 17.80
N ALA A 140 -1.14 4.88 17.87
CA ALA A 140 -2.02 5.07 16.67
C ALA A 140 -1.33 5.86 15.55
N GLY A 141 -0.13 6.41 15.83
CA GLY A 141 0.71 6.97 14.77
C GLY A 141 1.77 5.97 14.28
N SER A 142 1.58 4.69 14.63
CA SER A 142 2.60 3.65 14.38
C SER A 142 2.17 2.77 13.22
N LEU A 143 3.11 2.05 12.58
CA LEU A 143 2.71 1.02 11.60
C LEU A 143 3.68 -0.12 11.80
N ASP A 144 3.19 -1.36 11.83
CA ASP A 144 4.10 -2.55 11.91
C ASP A 144 4.94 -2.50 13.21
N GLY A 145 4.40 -1.89 14.27
CA GLY A 145 5.12 -1.73 15.55
C GLY A 145 6.17 -0.64 15.64
N HIS A 146 6.28 0.22 14.62
CA HIS A 146 7.32 1.22 14.56
C HIS A 146 6.63 2.59 14.58
N GLU A 147 7.16 3.51 15.37
CA GLU A 147 6.45 4.81 15.60
C GLU A 147 6.82 5.75 14.47
N TYR A 148 5.84 6.36 13.76
CA TYR A 148 6.15 7.27 12.63
C TYR A 148 5.59 8.66 12.90
N GLY A 149 4.82 8.83 13.99
CA GLY A 149 4.10 10.14 14.16
C GLY A 149 4.31 10.78 15.54
N ILE A 150 4.40 12.10 15.58
CA ILE A 150 4.34 12.82 16.83
C ILE A 150 2.95 13.49 16.94
N PRO A 151 2.19 13.24 18.02
CA PRO A 151 0.82 13.87 18.14
C PRO A 151 0.88 15.37 18.16
N MET A 152 -0.03 16.04 17.41
CA MET A 152 0.10 17.49 17.27
C MET A 152 -1.24 18.26 17.20
N ARG A 153 -2.37 17.56 17.34
CA ARG A 153 -3.69 18.19 17.51
C ARG A 153 -4.44 17.54 18.68
N GLY A 154 -5.73 17.81 18.79
CA GLY A 154 -6.51 17.11 19.88
C GLY A 154 -6.82 15.68 19.49
N MET A 155 -7.26 14.90 20.47
CA MET A 155 -8.00 13.70 20.17
C MET A 155 -9.31 14.06 19.49
N GLN A 156 -9.75 13.24 18.54
CA GLN A 156 -10.88 13.66 17.69
C GLN A 156 -11.95 12.55 17.48
N PRO A 157 -12.61 12.12 18.58
CA PRO A 157 -13.80 11.34 18.40
C PRO A 157 -14.87 12.20 17.69
N VAL A 158 -15.72 11.50 16.95
CA VAL A 158 -16.96 12.05 16.34
C VAL A 158 -18.02 12.00 17.40
N LEU A 159 -18.71 13.14 17.56
CA LEU A 159 -19.75 13.31 18.58
C LEU A 159 -20.98 13.88 17.91
N LEU A 160 -22.13 13.78 18.56
CA LEU A 160 -23.35 14.40 18.03
C LEU A 160 -23.47 15.74 18.79
N PHE A 161 -23.26 16.84 18.08
CA PHE A 161 -23.47 18.17 18.60
C PHE A 161 -24.92 18.59 18.34
N TYR A 162 -25.44 19.56 19.14
CA TYR A 162 -26.81 20.02 18.91
C TYR A 162 -26.98 21.45 19.44
N ASN A 163 -28.01 22.12 18.94
CA ASN A 163 -28.25 23.51 19.32
C ASN A 163 -29.23 23.49 20.51
N LYS A 164 -28.76 23.96 21.69
CA LYS A 164 -29.57 23.83 22.89
C LYS A 164 -30.76 24.81 22.84
N SER A 165 -30.63 25.90 22.10
CA SER A 165 -31.75 26.89 21.99
C SER A 165 -32.87 26.27 21.19
N VAL A 166 -32.55 25.66 20.05
CA VAL A 166 -33.57 24.96 19.29
C VAL A 166 -34.21 23.82 20.12
N PHE A 167 -33.39 23.06 20.84
CA PHE A 167 -33.92 21.94 21.59
C PHE A 167 -34.84 22.48 22.71
N ALA A 168 -34.44 23.55 23.38
CA ALA A 168 -35.34 24.11 24.44
C ALA A 168 -36.70 24.57 23.85
N GLU A 169 -36.67 25.17 22.65
CA GLU A 169 -37.86 25.78 22.03
C GLU A 169 -38.86 24.70 21.67
N HIS A 170 -38.37 23.52 21.32
CA HIS A 170 -39.29 22.48 20.85
C HIS A 170 -39.32 21.31 21.79
N LYS A 171 -38.88 21.56 23.03
CA LYS A 171 -38.87 20.56 24.11
C LYS A 171 -38.29 19.20 23.68
N LEU A 172 -37.09 19.26 23.11
CA LEU A 172 -36.30 18.05 22.76
C LEU A 172 -35.15 17.81 23.72
N THR A 173 -34.71 16.57 23.80
CA THR A 173 -33.57 16.22 24.65
C THR A 173 -32.62 15.49 23.71
N PRO A 174 -31.30 15.58 23.93
CA PRO A 174 -30.40 14.80 23.03
C PRO A 174 -30.73 13.29 23.04
N PRO A 175 -30.59 12.63 21.89
CA PRO A 175 -31.12 11.26 21.81
C PRO A 175 -30.10 10.30 22.35
N THR A 176 -30.53 9.38 23.18
CA THR A 176 -29.61 8.32 23.65
C THR A 176 -29.79 6.99 22.88
N THR A 177 -30.85 6.87 22.08
CA THR A 177 -31.09 5.67 21.33
C THR A 177 -31.50 6.16 19.97
N TRP A 178 -31.49 5.23 18.99
CA TRP A 178 -31.77 5.56 17.59
C TRP A 178 -33.25 5.94 17.45
N ASP A 179 -34.11 5.26 18.21
CA ASP A 179 -35.52 5.57 18.24
C ASP A 179 -35.78 7.03 18.67
N GLN A 180 -35.02 7.49 19.67
CA GLN A 180 -35.12 8.90 20.15
C GLN A 180 -34.62 9.86 19.10
N LEU A 181 -33.58 9.46 18.43
CA LEU A 181 -33.04 10.25 17.34
C LEU A 181 -34.07 10.40 16.21
N LEU A 182 -34.74 9.34 15.85
CA LEU A 182 -35.73 9.47 14.80
C LEU A 182 -36.96 10.29 15.32
N ASP A 183 -37.28 10.22 16.60
CA ASP A 183 -38.36 11.10 17.19
C ASP A 183 -37.90 12.54 17.06
N ASN A 184 -36.62 12.80 17.36
CA ASN A 184 -36.10 14.16 17.23
C ASN A 184 -36.15 14.62 15.77
N VAL A 185 -35.77 13.74 14.84
CA VAL A 185 -35.92 14.06 13.41
C VAL A 185 -37.34 14.56 13.02
N ALA A 186 -38.36 13.79 13.37
CA ALA A 186 -39.76 14.18 13.10
C ALA A 186 -40.14 15.57 13.71
N LYS A 187 -39.72 15.83 14.95
CA LYS A 187 -40.16 17.05 15.66
C LYS A 187 -39.49 18.28 15.08
N LEU A 188 -38.21 18.11 14.66
CA LEU A 188 -37.48 19.20 14.10
C LEU A 188 -38.03 19.53 12.70
N LYS A 189 -38.33 18.50 11.94
CA LYS A 189 -39.03 18.69 10.66
C LYS A 189 -40.35 19.47 10.84
N LYS A 190 -41.13 19.07 11.83
CA LYS A 190 -42.41 19.73 12.18
C LYS A 190 -42.14 21.21 12.48
N ALA A 191 -41.04 21.48 13.18
CA ALA A 191 -40.64 22.85 13.49
C ALA A 191 -40.04 23.61 12.34
N GLY A 192 -39.86 22.96 11.20
CA GLY A 192 -39.26 23.63 10.06
C GLY A 192 -37.75 23.73 10.13
N VAL A 193 -37.11 22.86 10.91
CA VAL A 193 -35.66 23.02 11.17
C VAL A 193 -35.00 21.80 10.52
N THR A 194 -33.90 21.98 9.80
CA THR A 194 -33.24 20.77 9.21
C THR A 194 -32.77 19.93 10.38
N PRO A 195 -33.13 18.62 10.41
CA PRO A 195 -32.71 17.93 11.63
C PRO A 195 -31.19 17.87 11.80
N PHE A 196 -30.44 17.47 10.76
CA PHE A 196 -28.95 17.46 10.87
C PHE A 196 -28.34 18.36 9.83
N ALA A 197 -27.41 19.21 10.23
CA ALA A 197 -26.52 19.86 9.29
C ALA A 197 -25.60 18.76 8.67
N LEU A 198 -25.22 18.95 7.40
CA LEU A 198 -24.39 17.91 6.77
C LEU A 198 -23.63 18.56 5.65
N GLY A 199 -22.29 18.47 5.70
CA GLY A 199 -21.39 18.98 4.65
C GLY A 199 -21.21 17.91 3.60
N GLY A 200 -22.19 17.81 2.69
CA GLY A 200 -22.10 16.80 1.64
C GLY A 200 -20.94 16.92 0.68
N VAL A 201 -20.50 18.16 0.41
CA VAL A 201 -19.44 18.43 -0.59
C VAL A 201 -18.20 17.57 -0.39
N GLU A 202 -17.74 17.52 0.85
CA GLU A 202 -16.47 16.79 1.11
C GLU A 202 -16.65 15.34 1.22
N ILE A 203 -17.89 14.89 1.34
CA ILE A 203 -18.26 13.45 1.46
C ILE A 203 -17.87 12.75 2.75
N TRP A 204 -16.67 13.02 3.25
CA TRP A 204 -16.32 12.38 4.52
C TRP A 204 -17.27 12.75 5.71
N PRO A 205 -17.99 13.92 5.70
CA PRO A 205 -18.99 14.11 6.74
C PRO A 205 -20.17 13.19 6.64
N GLU A 206 -20.50 12.74 5.42
CA GLU A 206 -21.46 11.65 5.22
C GLU A 206 -20.96 10.29 5.71
N LEU A 207 -19.71 10.01 5.38
CA LEU A 207 -19.02 8.82 5.85
C LEU A 207 -19.19 8.66 7.37
N MET A 208 -19.09 9.74 8.14
CA MET A 208 -19.28 9.59 9.64
C MET A 208 -20.52 8.83 10.10
N TRP A 209 -21.64 9.04 9.39
CA TRP A 209 -22.89 8.33 9.66
C TRP A 209 -22.69 6.84 9.42
N LEU A 210 -22.07 6.50 8.29
CA LEU A 210 -21.84 5.06 8.03
C LEU A 210 -20.92 4.46 9.06
N GLU A 211 -19.91 5.23 9.50
CA GLU A 211 -18.92 4.68 10.44
C GLU A 211 -19.57 4.27 11.78
N TYR A 212 -20.28 5.19 12.41
CA TYR A 212 -20.93 4.85 13.66
C TYR A 212 -22.04 3.83 13.44
N LEU A 213 -22.81 3.94 12.34
CA LEU A 213 -23.87 2.91 12.14
C LEU A 213 -23.27 1.47 11.99
N VAL A 214 -22.26 1.30 11.13
CA VAL A 214 -21.58 -0.03 11.06
C VAL A 214 -21.04 -0.51 12.42
N ASP A 215 -20.43 0.38 13.18
CA ASP A 215 -19.85 -0.04 14.42
C ASP A 215 -20.99 -0.43 15.40
N ARG A 216 -22.00 0.44 15.57
CA ARG A 216 -23.08 0.07 16.48
C ARG A 216 -23.80 -1.23 16.06
N ILE A 217 -23.99 -1.38 14.77
CA ILE A 217 -24.76 -2.52 14.30
C ILE A 217 -23.96 -3.81 14.39
N GLY A 218 -22.75 -3.80 13.83
CA GLY A 218 -21.94 -5.03 13.66
C GLY A 218 -20.71 -5.20 14.51
N GLY A 219 -20.34 -4.15 15.26
CA GLY A 219 -19.10 -4.10 16.04
C GLY A 219 -17.92 -3.70 15.15
N PRO A 220 -16.77 -3.39 15.75
CA PRO A 220 -15.55 -2.96 15.06
C PRO A 220 -14.93 -4.05 14.17
N GLN A 221 -15.25 -5.32 14.43
CA GLN A 221 -14.75 -6.42 13.57
C GLN A 221 -15.11 -6.26 12.10
N VAL A 222 -16.26 -5.67 11.80
CA VAL A 222 -16.75 -5.45 10.42
C VAL A 222 -15.79 -4.59 9.62
N PHE A 223 -15.54 -3.37 10.07
CA PHE A 223 -14.55 -2.56 9.40
C PHE A 223 -13.11 -3.09 9.54
N ASP A 224 -12.74 -3.71 10.66
CA ASP A 224 -11.36 -4.28 10.79
C ASP A 224 -11.05 -5.18 9.59
N LYS A 225 -12.04 -6.00 9.21
CA LYS A 225 -11.89 -6.96 8.11
C LYS A 225 -11.62 -6.23 6.80
N ILE A 226 -12.42 -5.19 6.56
CA ILE A 226 -12.29 -4.39 5.38
C ILE A 226 -10.99 -3.61 5.39
N ARG A 227 -10.71 -2.88 6.48
CA ARG A 227 -9.47 -2.10 6.57
C ARG A 227 -8.23 -2.94 6.26
N ASN A 228 -8.23 -4.20 6.73
CA ASN A 228 -7.02 -5.03 6.58
C ASN A 228 -6.90 -5.53 5.14
N GLY A 229 -7.90 -5.22 4.31
CA GLY A 229 -7.74 -5.25 2.85
C GLY A 229 -8.63 -6.25 2.14
N ASP A 230 -9.60 -6.86 2.87
CA ASP A 230 -10.54 -7.80 2.31
C ASP A 230 -11.78 -7.08 1.83
N ALA A 231 -11.85 -6.82 0.54
CA ALA A 231 -13.04 -6.13 0.00
C ALA A 231 -14.32 -6.94 0.10
N SER A 232 -14.24 -8.28 0.25
CA SER A 232 -15.46 -9.05 0.45
C SER A 232 -16.16 -8.70 1.80
N GLY A 233 -15.38 -8.18 2.76
CA GLY A 233 -15.92 -7.65 4.04
C GLY A 233 -16.97 -6.57 3.91
N TRP A 234 -17.03 -5.90 2.76
CA TRP A 234 -18.12 -4.96 2.47
C TRP A 234 -19.48 -5.67 2.40
N GLY A 235 -19.47 -6.99 2.22
CA GLY A 235 -20.70 -7.78 2.20
C GLY A 235 -21.29 -8.13 3.55
N ASP A 236 -20.62 -7.75 4.63
CA ASP A 236 -21.20 -7.97 5.98
C ASP A 236 -22.58 -7.34 6.06
N PRO A 237 -23.57 -8.04 6.67
CA PRO A 237 -24.92 -7.55 6.79
C PRO A 237 -24.99 -6.18 7.46
N ALA A 238 -24.04 -5.91 8.34
CA ALA A 238 -24.01 -4.58 8.99
C ALA A 238 -23.78 -3.45 7.98
N VAL A 239 -22.97 -3.66 6.94
CA VAL A 239 -22.76 -2.62 5.95
C VAL A 239 -24.08 -2.30 5.23
N LEU A 240 -24.77 -3.36 4.77
CA LEU A 240 -26.00 -3.10 4.08
C LEU A 240 -27.00 -2.43 5.01
N LYS A 241 -27.07 -2.88 6.25
CA LYS A 241 -28.05 -2.32 7.18
C LYS A 241 -27.76 -0.81 7.39
N ALA A 242 -26.49 -0.46 7.57
CA ALA A 242 -26.13 0.95 7.71
C ALA A 242 -26.48 1.75 6.50
N ALA A 243 -26.21 1.21 5.31
CA ALA A 243 -26.56 1.87 4.07
C ALA A 243 -28.06 2.09 3.89
N GLN A 244 -28.85 1.08 4.29
CA GLN A 244 -30.31 1.16 4.33
C GLN A 244 -30.82 2.27 5.23
N THR A 245 -30.17 2.35 6.39
CA THR A 245 -30.42 3.34 7.43
C THR A 245 -30.11 4.76 6.98
N VAL A 246 -28.97 4.93 6.28
CA VAL A 246 -28.67 6.22 5.65
C VAL A 246 -29.73 6.64 4.65
N LYS A 247 -30.07 5.70 3.76
CA LYS A 247 -31.06 5.99 2.75
C LYS A 247 -32.39 6.46 3.40
N GLN A 248 -32.77 5.81 4.48
CA GLN A 248 -34.03 6.16 5.15
C GLN A 248 -33.96 7.57 5.70
N LEU A 249 -32.84 7.92 6.34
CA LEU A 249 -32.61 9.29 6.82
C LEU A 249 -32.69 10.32 5.70
N VAL A 250 -32.00 10.05 4.56
CA VAL A 250 -32.09 10.99 3.43
C VAL A 250 -33.55 11.12 2.92
N ASP A 251 -34.16 9.98 2.66
CA ASP A 251 -35.55 9.91 2.13
C ASP A 251 -36.61 10.62 2.97
N GLU A 252 -36.45 10.52 4.28
CA GLU A 252 -37.37 11.22 5.19
C GLU A 252 -36.99 12.68 5.52
N GLY A 253 -35.92 13.20 4.91
CA GLY A 253 -35.65 14.62 5.02
C GLY A 253 -34.81 14.95 6.25
N ALA A 254 -34.16 13.95 6.83
CA ALA A 254 -33.31 14.23 8.01
C ALA A 254 -32.16 15.18 7.71
N PHE A 255 -31.76 15.26 6.44
CA PHE A 255 -30.65 16.15 6.07
C PHE A 255 -31.18 17.24 5.20
N GLY A 256 -32.50 17.25 5.00
CA GLY A 256 -33.12 18.30 4.18
C GLY A 256 -32.78 18.06 2.71
N LYS A 257 -32.92 19.06 1.86
CA LYS A 257 -32.66 18.76 0.46
C LYS A 257 -31.35 19.29 -0.12
N GLY A 258 -30.70 20.27 0.49
CA GLY A 258 -29.55 20.78 -0.32
C GLY A 258 -28.18 20.23 0.07
N PHE A 259 -28.15 19.17 0.88
CA PHE A 259 -26.89 18.86 1.66
C PHE A 259 -25.72 18.54 0.78
N SER A 260 -25.94 17.99 -0.43
CA SER A 260 -24.81 17.67 -1.29
C SER A 260 -24.05 18.88 -1.79
N SER A 261 -24.65 20.07 -1.71
CA SER A 261 -23.94 21.30 -2.08
C SER A 261 -23.38 22.10 -0.90
N VAL A 262 -23.63 21.63 0.33
CA VAL A 262 -23.24 22.37 1.54
C VAL A 262 -21.84 21.85 1.90
N SER A 263 -20.93 22.78 2.23
CA SER A 263 -19.55 22.43 2.58
C SER A 263 -19.32 22.47 4.08
N TYR A 264 -18.54 21.50 4.58
CA TYR A 264 -18.01 21.61 5.93
C TYR A 264 -16.82 22.58 6.02
N ASN A 265 -15.88 22.49 5.09
CA ASN A 265 -14.59 23.16 5.21
C ASN A 265 -14.67 24.67 5.08
N ASN A 266 -15.72 25.16 4.42
CA ASN A 266 -15.92 26.62 4.40
C ASN A 266 -16.75 27.14 5.54
N GLY A 267 -17.16 26.24 6.45
CA GLY A 267 -17.95 26.71 7.60
C GLY A 267 -19.45 26.62 7.38
N GLY A 268 -19.88 26.23 6.17
CA GLY A 268 -21.35 26.27 5.86
C GLY A 268 -22.13 25.35 6.79
N ALA A 269 -21.67 24.11 6.95
CA ALA A 269 -22.40 23.17 7.80
C ALA A 269 -22.38 23.62 9.26
N PRO A 270 -21.21 24.05 9.83
CA PRO A 270 -21.25 24.54 11.24
C PRO A 270 -22.16 25.77 11.39
N ALA A 271 -22.17 26.64 10.37
CA ALA A 271 -23.05 27.85 10.46
C ALA A 271 -24.53 27.44 10.57
N LEU A 272 -24.94 26.37 9.89
CA LEU A 272 -26.36 26.01 9.93
C LEU A 272 -26.74 25.63 11.33
N LEU A 273 -25.84 24.92 12.04
CA LEU A 273 -26.15 24.60 13.43
C LEU A 273 -26.15 25.88 14.29
N ALA A 274 -25.12 26.74 14.12
CA ALA A 274 -24.97 27.93 14.99
C ALA A 274 -26.17 28.86 14.85
N LYS A 275 -26.72 28.92 13.66
CA LYS A 275 -27.83 29.85 13.40
C LYS A 275 -29.16 29.25 13.66
N GLY A 276 -29.17 27.97 14.02
CA GLY A 276 -30.44 27.34 14.36
C GLY A 276 -31.27 26.92 13.17
N LYS A 277 -30.62 26.84 11.98
CA LYS A 277 -31.20 26.33 10.72
C LYS A 277 -31.21 24.80 10.71
N ALA A 278 -30.35 24.19 11.56
CA ALA A 278 -30.28 22.76 11.78
C ALA A 278 -30.24 22.52 13.28
N GLY A 279 -30.73 21.37 13.76
CA GLY A 279 -30.78 21.10 15.20
C GLY A 279 -29.55 20.35 15.72
N MET A 280 -28.95 19.48 14.89
CA MET A 280 -27.93 18.52 15.33
C MET A 280 -26.85 18.48 14.25
N HIS A 281 -25.67 17.99 14.61
CA HIS A 281 -24.57 17.91 13.59
C HIS A 281 -23.66 16.77 14.08
N LEU A 282 -23.43 15.75 13.24
CA LEU A 282 -22.50 14.70 13.62
C LEU A 282 -21.11 15.10 13.10
N MET A 283 -20.15 15.29 14.00
CA MET A 283 -18.84 15.77 13.58
C MET A 283 -17.78 15.41 14.58
N GLY A 284 -16.57 15.31 14.03
CA GLY A 284 -15.33 15.20 14.80
C GLY A 284 -15.34 16.31 15.84
N SER A 285 -14.67 16.05 16.98
CA SER A 285 -14.70 16.98 18.11
C SER A 285 -14.08 18.34 17.84
N TRP A 286 -13.37 18.48 16.70
CA TRP A 286 -12.90 19.81 16.24
C TRP A 286 -14.06 20.79 15.95
N GLU A 287 -15.27 20.27 15.82
CA GLU A 287 -16.46 21.09 15.68
C GLU A 287 -16.58 22.07 16.87
N TYR A 288 -16.27 21.61 18.08
CA TYR A 288 -16.35 22.56 19.21
C TYR A 288 -15.44 23.77 18.96
N SER A 289 -14.17 23.50 18.62
CA SER A 289 -13.23 24.56 18.34
C SER A 289 -13.63 25.42 17.16
N THR A 290 -14.06 24.74 16.10
CA THR A 290 -14.61 25.49 14.94
C THR A 290 -15.70 26.52 15.35
N GLN A 291 -16.73 26.04 16.05
CA GLN A 291 -17.82 26.89 16.58
C GLN A 291 -17.32 28.02 17.48
N LEU A 292 -16.37 27.70 18.37
CA LEU A 292 -15.88 28.72 19.33
C LEU A 292 -15.18 29.82 18.54
N GLY A 293 -14.49 29.45 17.47
CA GLY A 293 -13.80 30.48 16.65
C GLY A 293 -14.75 31.30 15.79
N LYS A 294 -15.72 30.61 15.17
CA LYS A 294 -16.61 31.22 14.20
C LYS A 294 -17.81 31.90 14.81
N PHE A 295 -18.40 31.27 15.84
CA PHE A 295 -19.67 31.69 16.47
C PHE A 295 -19.49 31.65 18.00
N PRO A 296 -18.67 32.56 18.55
CA PRO A 296 -18.33 32.37 19.96
C PRO A 296 -19.50 32.44 20.94
N ASP A 297 -20.50 33.30 20.67
CA ASP A 297 -21.62 33.41 21.60
C ASP A 297 -22.41 32.12 21.56
N PHE A 298 -22.63 31.60 20.35
CA PHE A 298 -23.30 30.31 20.24
C PHE A 298 -22.50 29.19 20.98
N ALA A 299 -21.20 29.11 20.75
CA ALA A 299 -20.40 28.03 21.33
C ALA A 299 -20.42 28.11 22.86
N LYS A 300 -20.47 29.34 23.37
CA LYS A 300 -20.43 29.52 24.85
C LYS A 300 -21.69 29.13 25.56
N LYS A 301 -22.82 29.39 24.92
CA LYS A 301 -24.14 29.36 25.57
C LYS A 301 -25.05 28.26 25.05
N ASP A 302 -24.95 27.97 23.76
CA ASP A 302 -26.01 27.22 23.11
C ASP A 302 -25.60 25.93 22.40
N LEU A 303 -24.36 25.51 22.57
CA LEU A 303 -23.89 24.30 21.89
C LEU A 303 -23.87 23.16 22.89
N GLY A 304 -24.56 22.06 22.55
CA GLY A 304 -24.56 20.86 23.37
C GLY A 304 -23.83 19.71 22.64
N TRP A 305 -23.60 18.63 23.38
CA TRP A 305 -22.86 17.49 22.81
C TRP A 305 -23.37 16.21 23.46
N CYS A 306 -23.35 15.12 22.72
CA CYS A 306 -23.63 13.79 23.32
C CYS A 306 -22.93 12.73 22.48
N ALA A 307 -22.79 11.53 23.06
CA ALA A 307 -22.24 10.41 22.29
C ALA A 307 -23.23 10.00 21.22
N PHE A 308 -22.73 9.28 20.22
CA PHE A 308 -23.62 8.64 19.26
C PHE A 308 -24.52 7.60 19.99
N PRO A 309 -25.82 7.60 19.67
CA PRO A 309 -26.73 6.77 20.43
C PRO A 309 -26.57 5.26 20.28
N SER A 310 -27.28 4.50 21.11
CA SER A 310 -27.33 3.05 20.94
C SER A 310 -28.24 2.74 19.79
N PHE A 311 -28.27 1.46 19.40
CA PHE A 311 -29.00 1.12 18.17
C PHE A 311 -29.70 -0.22 18.34
N GLU A 312 -31.03 -0.16 18.29
CA GLU A 312 -31.83 -1.34 18.61
C GLU A 312 -31.48 -2.44 17.64
N GLY A 313 -31.09 -3.61 18.17
CA GLY A 313 -30.77 -4.71 17.29
C GLY A 313 -29.28 -4.85 17.03
N GLY A 314 -28.52 -3.78 17.35
CA GLY A 314 -27.06 -3.75 17.17
C GLY A 314 -26.30 -4.65 18.14
N ALA A 315 -25.04 -4.92 17.80
CA ALA A 315 -24.17 -5.75 18.58
C ALA A 315 -22.92 -5.03 19.05
N GLY A 316 -22.63 -3.83 18.53
CA GLY A 316 -21.34 -3.16 18.90
C GLY A 316 -21.35 -2.54 20.29
N ASP A 317 -20.20 -2.63 20.98
CA ASP A 317 -20.07 -2.01 22.31
C ASP A 317 -20.52 -0.54 22.25
N ILE A 318 -21.48 -0.14 23.10
CA ILE A 318 -22.05 1.18 22.97
C ILE A 318 -21.09 2.30 23.42
N ARG A 319 -19.96 1.90 23.97
CA ARG A 319 -18.91 2.89 24.31
C ARG A 319 -17.94 3.20 23.16
N ASN A 320 -17.99 2.41 22.09
CA ASN A 320 -16.97 2.50 21.03
C ASN A 320 -17.08 3.85 20.37
N VAL A 321 -15.94 4.38 19.90
CA VAL A 321 -15.98 5.64 19.17
C VAL A 321 -15.35 5.51 17.81
N VAL A 322 -15.60 6.48 16.88
CA VAL A 322 -14.91 6.47 15.58
C VAL A 322 -14.41 7.90 15.41
N GLY A 323 -13.47 8.14 14.51
CA GLY A 323 -12.90 9.55 14.40
C GLY A 323 -11.41 9.44 14.21
N ASN A 324 -10.64 10.45 14.67
CA ASN A 324 -9.19 10.40 14.52
C ASN A 324 -8.59 10.41 15.90
N PRO A 325 -7.76 9.40 16.22
CA PRO A 325 -7.10 9.41 17.56
C PRO A 325 -6.30 10.71 17.75
N CYS A 326 -5.68 11.22 16.69
CA CYS A 326 -4.98 12.52 16.73
C CYS A 326 -4.60 12.90 15.28
N ASN A 327 -3.93 14.02 15.08
CA ASN A 327 -3.12 14.18 13.87
C ASN A 327 -1.68 14.15 14.30
N TYR A 328 -0.82 13.82 13.35
CA TYR A 328 0.62 13.53 13.64
C TYR A 328 1.51 14.32 12.72
N TRP A 329 2.68 14.70 13.24
CA TRP A 329 3.74 15.02 12.28
C TRP A 329 4.56 13.75 11.97
N SER A 330 4.85 13.50 10.69
CA SER A 330 5.93 12.54 10.34
C SER A 330 7.07 13.25 9.71
N VAL A 331 8.23 12.61 9.74
CA VAL A 331 9.43 13.27 9.27
C VAL A 331 9.89 12.62 7.97
N ASN A 332 10.16 13.46 6.98
CA ASN A 332 10.70 12.97 5.70
C ASN A 332 12.08 12.38 5.84
N ALA A 333 12.26 11.14 5.38
CA ALA A 333 13.60 10.53 5.39
C ALA A 333 14.69 11.33 4.62
N ARG A 334 14.27 12.22 3.73
CA ARG A 334 15.22 13.10 3.00
C ARG A 334 15.68 14.35 3.79
N THR A 335 15.12 14.58 4.98
CA THR A 335 15.34 15.87 5.69
C THR A 335 16.84 16.06 5.98
N GLY A 336 17.37 17.24 5.68
CA GLY A 336 18.82 17.46 5.84
C GLY A 336 19.14 17.72 7.31
N ASN A 337 18.17 18.26 8.05
CA ASN A 337 18.36 18.67 9.45
C ASN A 337 17.33 17.97 10.35
N LYS A 338 17.61 16.70 10.58
CA LYS A 338 16.72 15.85 11.38
C LYS A 338 16.74 16.37 12.81
N ASP A 339 17.89 16.81 13.29
CA ASP A 339 17.95 17.32 14.67
C ASP A 339 17.13 18.59 14.84
N GLY A 340 17.08 19.41 13.79
CA GLY A 340 16.29 20.65 13.88
C GLY A 340 14.79 20.25 13.92
N ALA A 341 14.42 19.28 13.07
CA ALA A 341 13.06 18.73 13.03
C ALA A 341 12.65 18.14 14.38
N ILE A 342 13.54 17.34 14.98
CA ILE A 342 13.25 16.77 16.32
C ILE A 342 13.10 17.88 17.39
N ALA A 343 13.87 18.95 17.30
CA ALA A 343 13.77 20.04 18.28
C ALA A 343 12.36 20.68 18.16
N PHE A 344 11.85 20.86 16.92
CA PHE A 344 10.50 21.40 16.77
C PHE A 344 9.43 20.41 17.29
N LEU A 345 9.60 19.12 16.99
CA LEU A 345 8.69 18.11 17.50
C LEU A 345 8.61 18.06 19.05
N ARG A 346 9.70 18.35 19.75
CA ARG A 346 9.61 18.39 21.24
C ARG A 346 8.64 19.48 21.70
N ASP A 347 8.51 20.56 20.94
CA ASP A 347 7.50 21.57 21.32
C ASP A 347 6.08 20.97 21.44
N CYS A 348 5.78 19.92 20.67
CA CYS A 348 4.41 19.31 20.65
C CYS A 348 4.03 18.70 22.02
N ALA A 349 5.04 18.38 22.82
CA ALA A 349 4.87 17.85 24.20
C ALA A 349 4.91 18.95 25.24
N SER A 350 5.19 20.21 24.83
CA SER A 350 5.40 21.30 25.82
C SER A 350 4.08 21.74 26.50
N GLU A 351 4.23 22.32 27.68
CA GLU A 351 3.12 23.04 28.34
C GLU A 351 2.52 24.15 27.45
N ALA A 352 3.38 24.92 26.76
CA ALA A 352 2.86 25.99 25.91
C ALA A 352 1.97 25.47 24.77
N TYR A 353 2.40 24.38 24.12
CA TYR A 353 1.65 23.83 22.96
C TYR A 353 0.36 23.19 23.51
N THR A 354 0.49 22.52 24.66
CA THR A 354 -0.69 21.93 25.32
C THR A 354 -1.74 22.98 25.62
N LYS A 355 -1.25 24.07 26.23
CA LYS A 355 -2.18 25.16 26.55
C LYS A 355 -2.77 25.79 25.28
N ASP A 356 -1.96 25.96 24.23
CA ASP A 356 -2.54 26.51 23.00
C ASP A 356 -3.66 25.65 22.43
N LEU A 357 -3.45 24.33 22.41
CA LEU A 357 -4.54 23.40 22.06
C LEU A 357 -5.77 23.56 22.96
N ILE A 358 -5.56 23.55 24.28
CA ILE A 358 -6.67 23.65 25.21
C ILE A 358 -7.46 24.96 24.93
N ASP A 359 -6.74 26.08 24.81
CA ASP A 359 -7.39 27.40 24.61
C ASP A 359 -8.17 27.46 23.30
N ASN A 360 -7.71 26.67 22.33
CA ASN A 360 -8.44 26.52 21.06
C ASN A 360 -9.76 25.75 21.15
N GLY A 361 -9.93 24.96 22.22
CA GLY A 361 -11.13 24.10 22.35
C GLY A 361 -10.83 22.61 22.12
N ASP A 362 -9.55 22.29 21.93
CA ASP A 362 -9.14 20.89 21.71
C ASP A 362 -8.78 20.21 22.99
N VAL A 363 -8.76 18.88 22.99
CA VAL A 363 -8.34 18.18 24.18
C VAL A 363 -7.02 17.49 23.75
N PRO A 364 -5.89 17.93 24.31
CA PRO A 364 -4.59 17.41 23.82
C PRO A 364 -4.29 15.99 24.31
N THR A 365 -3.30 15.36 23.66
CA THR A 365 -2.96 13.98 23.95
C THR A 365 -1.61 13.93 24.67
N THR A 366 -1.19 15.07 25.20
CA THR A 366 0.11 15.20 25.89
C THR A 366 -0.10 14.67 27.32
N THR A 367 0.97 14.19 27.95
CA THR A 367 0.76 13.60 29.27
C THR A 367 0.42 14.67 30.28
N ILE A 368 0.90 15.88 30.03
CA ILE A 368 0.53 17.05 30.86
C ILE A 368 -0.90 17.64 30.75
N ALA A 369 -1.63 17.24 29.73
CA ALA A 369 -2.96 17.81 29.44
C ALA A 369 -4.11 17.48 30.44
N GLU A 370 -4.36 16.22 30.78
CA GLU A 370 -5.59 15.94 31.57
C GLU A 370 -5.74 16.89 32.79
N ASN A 371 -4.65 17.15 33.55
CA ASN A 371 -4.88 17.98 34.77
C ASN A 371 -4.92 19.46 34.46
N MET A 372 -4.96 19.78 33.17
CA MET A 372 -4.97 21.17 32.73
C MET A 372 -6.28 21.50 32.03
N LEU A 373 -7.22 20.56 32.02
CA LEU A 373 -8.48 20.76 31.27
C LEU A 373 -9.38 21.77 31.89
N ASP A 374 -9.10 22.12 33.17
CA ASP A 374 -9.77 23.31 33.77
C ASP A 374 -9.60 24.64 33.05
N SER A 375 -8.58 24.74 32.21
CA SER A 375 -8.32 25.92 31.39
C SER A 375 -9.11 25.95 30.10
N SER A 376 -9.83 24.87 29.82
CA SER A 376 -10.58 24.77 28.56
C SER A 376 -11.70 25.81 28.56
N PRO A 377 -12.07 26.32 27.36
CA PRO A 377 -13.25 27.22 27.32
C PRO A 377 -14.50 26.54 27.88
N ASN A 378 -14.60 25.21 27.80
CA ASN A 378 -15.71 24.54 28.43
C ASN A 378 -15.19 23.27 29.14
N PRO A 379 -14.84 23.38 30.45
CA PRO A 379 -14.20 22.25 31.13
C PRO A 379 -15.08 21.04 31.14
N GLU A 380 -16.43 21.26 31.21
CA GLU A 380 -17.31 20.11 31.22
C GLU A 380 -17.16 19.24 29.93
N PHE A 381 -17.17 19.92 28.80
CA PHE A 381 -17.04 19.25 27.50
C PHE A 381 -15.66 18.59 27.37
N ALA A 382 -14.62 19.32 27.78
CA ALA A 382 -13.27 18.78 27.65
C ALA A 382 -13.18 17.48 28.44
N LYS A 383 -13.71 17.47 29.66
CA LYS A 383 -13.66 16.28 30.47
C LYS A 383 -14.52 15.14 29.96
N PHE A 384 -15.69 15.50 29.46
CA PHE A 384 -16.58 14.55 28.83
C PHE A 384 -15.83 13.83 27.71
N GLN A 385 -15.16 14.63 26.88
CA GLN A 385 -14.48 14.10 25.69
C GLN A 385 -13.32 13.20 26.06
N TYR A 386 -12.52 13.69 26.99
CA TYR A 386 -11.36 12.92 27.53
C TYR A 386 -11.78 11.57 28.04
N GLN A 387 -12.86 11.56 28.86
CA GLN A 387 -13.34 10.33 29.44
C GLN A 387 -13.94 9.41 28.40
N LEU A 388 -14.70 9.98 27.46
CA LEU A 388 -15.30 9.14 26.42
C LEU A 388 -14.24 8.35 25.66
N VAL A 389 -13.13 9.04 25.30
CA VAL A 389 -12.08 8.37 24.57
C VAL A 389 -11.36 7.39 25.46
N GLN A 390 -11.12 7.76 26.72
CA GLN A 390 -10.31 6.86 27.59
C GLN A 390 -11.09 5.59 27.87
N LYS A 391 -12.42 5.71 27.90
CA LYS A 391 -13.28 4.56 28.19
C LYS A 391 -13.67 3.67 26.99
N ALA A 392 -13.43 4.16 25.76
CA ALA A 392 -13.87 3.45 24.52
C ALA A 392 -13.09 2.18 24.38
N PRO A 393 -13.77 1.03 24.29
CA PRO A 393 -13.05 -0.24 24.05
C PRO A 393 -12.32 -0.28 22.69
N ASN A 394 -12.82 0.50 21.73
CA ASN A 394 -12.32 0.54 20.37
C ASN A 394 -12.51 1.98 19.92
N PHE A 395 -11.57 2.44 19.09
CA PHE A 395 -11.60 3.79 18.49
C PHE A 395 -11.19 3.52 17.04
N THR A 396 -12.18 3.57 16.14
CA THR A 396 -11.91 3.23 14.74
C THR A 396 -11.48 4.47 14.03
N LEU A 397 -10.33 4.40 13.35
CA LEU A 397 -9.89 5.55 12.49
C LEU A 397 -10.80 5.80 11.30
N SER A 398 -11.09 7.09 11.03
CA SER A 398 -11.94 7.48 9.89
C SER A 398 -11.60 6.62 8.66
N TRP A 399 -12.62 6.13 7.93
CA TRP A 399 -12.29 5.09 6.94
C TRP A 399 -11.46 5.62 5.81
N ASP A 400 -11.70 6.87 5.42
CA ASP A 400 -10.98 7.41 4.29
C ASP A 400 -9.50 7.66 4.59
N GLN A 401 -9.14 7.66 5.89
CA GLN A 401 -7.72 7.70 6.33
C GLN A 401 -7.17 6.31 6.68
N ALA A 402 -8.08 5.38 6.98
CA ALA A 402 -7.67 4.01 7.47
C ALA A 402 -7.41 3.05 6.33
N VAL A 403 -8.22 3.11 5.26
CA VAL A 403 -8.03 2.12 4.21
C VAL A 403 -6.76 2.46 3.41
N ASP A 404 -6.32 1.49 2.60
CA ASP A 404 -5.17 1.67 1.72
C ASP A 404 -5.45 2.91 0.84
N PRO A 405 -4.44 3.78 0.57
CA PRO A 405 -4.67 5.03 -0.17
C PRO A 405 -5.39 4.81 -1.53
N ASP A 406 -5.11 3.70 -2.20
CA ASP A 406 -5.77 3.45 -3.50
C ASP A 406 -7.28 3.11 -3.41
N TRP A 407 -7.81 2.88 -2.20
CA TRP A 407 -9.28 2.75 -1.99
C TRP A 407 -9.94 4.03 -1.52
N GLN A 408 -9.16 5.02 -1.09
CA GLN A 408 -9.78 6.16 -0.36
C GLN A 408 -10.76 6.97 -1.20
N GLN A 409 -10.31 7.43 -2.37
CA GLN A 409 -11.23 8.24 -3.21
C GLN A 409 -12.33 7.40 -3.85
N PRO A 410 -11.98 6.16 -4.33
CA PRO A 410 -13.15 5.41 -4.92
C PRO A 410 -14.18 5.05 -3.85
N MET A 411 -13.77 4.86 -2.59
CA MET A 411 -14.78 4.62 -1.55
C MET A 411 -15.61 5.85 -1.31
N LEU A 412 -14.99 7.00 -1.24
CA LEU A 412 -15.78 8.23 -1.05
C LEU A 412 -16.76 8.46 -2.27
N THR A 413 -16.29 8.16 -3.48
CA THR A 413 -17.16 8.28 -4.66
C THR A 413 -18.42 7.46 -4.48
N GLU A 414 -18.25 6.23 -3.99
CA GLU A 414 -19.43 5.38 -3.77
C GLU A 414 -20.31 5.84 -2.60
N ILE A 415 -19.69 6.33 -1.52
CA ILE A 415 -20.53 6.93 -0.45
C ILE A 415 -21.37 8.13 -0.94
N ASN A 416 -20.75 9.05 -1.66
CA ASN A 416 -21.50 10.09 -2.33
C ASN A 416 -22.70 9.57 -3.16
N LYS A 417 -22.46 8.58 -4.03
CA LYS A 417 -23.59 8.04 -4.84
C LYS A 417 -24.68 7.45 -3.98
N LEU A 418 -24.34 6.87 -2.84
CA LEU A 418 -25.40 6.41 -1.95
C LEU A 418 -26.24 7.56 -1.39
N PHE A 419 -25.56 8.60 -0.91
CA PHE A 419 -26.27 9.68 -0.22
C PHE A 419 -27.14 10.52 -1.17
N VAL A 420 -26.72 10.62 -2.42
CA VAL A 420 -27.53 11.41 -3.33
C VAL A 420 -28.54 10.53 -4.09
N GLY A 421 -28.61 9.25 -3.78
CA GLY A 421 -29.62 8.38 -4.36
C GLY A 421 -29.29 7.75 -5.71
N LYS A 422 -28.06 7.96 -6.23
CA LYS A 422 -27.62 7.33 -7.48
C LYS A 422 -27.37 5.82 -7.33
N SER A 423 -26.99 5.41 -6.14
CA SER A 423 -26.81 4.02 -5.82
C SER A 423 -27.81 3.62 -4.74
N SER A 424 -28.53 2.52 -4.95
CA SER A 424 -29.20 1.81 -3.85
C SER A 424 -28.17 1.25 -2.85
N PRO A 425 -28.62 0.89 -1.63
CA PRO A 425 -27.81 0.18 -0.66
C PRO A 425 -27.14 -1.07 -1.28
N GLU A 426 -27.91 -1.88 -2.02
CA GLU A 426 -27.36 -3.04 -2.73
C GLU A 426 -26.29 -2.66 -3.77
N GLN A 427 -26.53 -1.59 -4.53
CA GLN A 427 -25.53 -1.18 -5.54
C GLN A 427 -24.25 -0.69 -4.82
N PHE A 428 -24.46 -0.01 -3.69
CA PHE A 428 -23.31 0.55 -2.95
C PHE A 428 -22.42 -0.63 -2.47
N VAL A 429 -23.03 -1.64 -1.89
CA VAL A 429 -22.29 -2.80 -1.35
C VAL A 429 -21.53 -3.50 -2.50
N SER A 430 -22.21 -3.67 -3.63
CA SER A 430 -21.63 -4.40 -4.77
C SER A 430 -20.47 -3.60 -5.38
N ALA A 431 -20.62 -2.29 -5.48
CA ALA A 431 -19.52 -1.49 -5.96
C ALA A 431 -18.27 -1.56 -5.07
N LEU A 432 -18.46 -1.50 -3.75
CA LEU A 432 -17.36 -1.54 -2.78
C LEU A 432 -16.65 -2.91 -2.75
N LYS A 433 -17.44 -3.96 -2.87
CA LYS A 433 -16.91 -5.33 -3.09
C LYS A 433 -15.94 -5.39 -4.28
N GLY A 434 -16.17 -4.51 -5.25
CA GLY A 434 -15.41 -4.52 -6.48
C GLY A 434 -14.11 -3.76 -6.36
N LEU A 435 -13.82 -3.16 -5.21
CA LEU A 435 -12.55 -2.40 -5.06
C LEU A 435 -11.31 -3.31 -5.06
N THR B 38 23.52 13.88 -15.50
CA THR B 38 23.73 12.47 -15.18
C THR B 38 22.39 11.94 -14.71
N ILE B 39 21.82 11.02 -15.48
CA ILE B 39 20.66 10.23 -15.12
C ILE B 39 21.12 8.96 -14.37
N THR B 40 20.81 8.83 -13.07
CA THR B 40 21.23 7.62 -12.31
C THR B 40 20.14 6.55 -12.48
N ALA B 41 20.55 5.31 -12.72
CA ALA B 41 19.62 4.20 -13.04
C ALA B 41 19.95 3.08 -12.07
N MET B 42 19.07 2.83 -11.09
CA MET B 42 19.35 1.82 -10.08
C MET B 42 18.87 0.49 -10.65
N VAL B 43 19.71 -0.54 -10.65
CA VAL B 43 19.43 -1.73 -11.46
C VAL B 43 19.83 -2.96 -10.59
N TYR B 44 19.13 -4.05 -10.84
CA TYR B 44 19.33 -5.34 -10.17
C TYR B 44 20.64 -5.96 -10.72
N GLY B 45 21.66 -6.07 -9.87
CA GLY B 45 23.03 -6.35 -10.38
C GLY B 45 23.48 -7.77 -10.66
N ASP B 46 22.59 -8.63 -11.15
CA ASP B 46 22.99 -9.98 -11.50
C ASP B 46 23.76 -9.96 -12.86
N ASP B 47 24.22 -11.11 -13.32
CA ASP B 47 24.98 -11.16 -14.58
C ASP B 47 24.26 -10.50 -15.78
N ALA B 48 22.93 -10.54 -15.78
CA ALA B 48 22.17 -9.92 -16.79
C ALA B 48 22.41 -8.42 -16.91
N VAL B 49 22.96 -7.78 -15.86
CA VAL B 49 23.14 -6.31 -15.92
C VAL B 49 24.10 -5.86 -17.04
N LYS B 50 24.84 -6.80 -17.61
CA LYS B 50 25.73 -6.53 -18.74
C LYS B 50 25.00 -5.91 -19.91
N VAL B 51 23.74 -6.34 -20.10
CA VAL B 51 22.90 -5.75 -21.13
C VAL B 51 22.66 -4.28 -20.83
N GLN B 52 22.34 -3.93 -19.57
CA GLN B 52 22.11 -2.51 -19.30
C GLN B 52 23.42 -1.72 -19.34
N ASP B 53 24.54 -2.38 -19.01
CA ASP B 53 25.85 -1.69 -19.11
C ASP B 53 26.13 -1.33 -20.57
N LYS B 54 25.90 -2.31 -21.46
CA LYS B 54 26.04 -2.10 -22.90
C LYS B 54 25.12 -0.96 -23.36
N ALA B 55 23.92 -0.87 -22.79
CA ALA B 55 22.97 0.17 -23.21
C ALA B 55 23.38 1.57 -22.72
N ALA B 56 23.90 1.67 -21.50
CA ALA B 56 24.37 2.94 -20.97
C ALA B 56 25.53 3.42 -21.86
N SER B 57 26.46 2.50 -22.18
CA SER B 57 27.58 2.88 -23.13
C SER B 57 27.12 3.38 -24.46
N ARG B 58 26.21 2.64 -25.08
CA ARG B 58 25.67 2.97 -26.38
C ARG B 58 24.96 4.29 -26.29
N PHE B 59 24.06 4.43 -25.32
CA PHE B 59 23.36 5.71 -25.16
C PHE B 59 24.34 6.87 -24.91
N ASN B 60 25.32 6.69 -24.06
CA ASN B 60 26.21 7.78 -23.71
C ASN B 60 27.00 8.28 -24.93
N ALA B 61 27.40 7.35 -25.78
CA ALA B 61 28.07 7.72 -27.05
C ALA B 61 27.09 8.34 -28.08
N SER B 62 25.78 8.32 -27.83
CA SER B 62 24.78 8.63 -28.89
C SER B 62 24.53 10.11 -29.12
N ALA B 63 23.87 10.41 -30.24
CA ALA B 63 23.53 11.79 -30.57
C ALA B 63 22.27 12.23 -29.85
N GLU B 64 21.38 11.28 -29.53
CA GLU B 64 20.18 11.55 -28.70
C GLU B 64 20.66 11.98 -27.30
N ALA B 65 21.75 11.37 -26.83
CA ALA B 65 22.36 11.78 -25.55
C ALA B 65 22.94 13.20 -25.59
N LYS B 66 23.81 13.48 -26.57
CA LYS B 66 24.33 14.83 -26.80
C LYS B 66 23.17 15.83 -26.77
N LYS B 67 22.13 15.54 -27.59
CA LYS B 67 20.92 16.35 -27.72
C LYS B 67 20.29 16.78 -26.39
N ALA B 68 20.28 15.88 -25.40
CA ALA B 68 19.70 16.15 -24.09
C ALA B 68 20.77 16.42 -23.03
N ASN B 69 22.00 16.60 -23.49
CA ASN B 69 23.11 16.96 -22.60
C ASN B 69 23.18 16.03 -21.38
N ALA B 70 23.08 14.72 -21.65
CA ALA B 70 22.86 13.72 -20.58
C ALA B 70 23.67 12.45 -20.78
N LYS B 71 24.10 11.89 -19.66
CA LYS B 71 24.66 10.53 -19.67
C LYS B 71 23.95 9.67 -18.60
N VAL B 72 23.79 8.40 -18.89
CA VAL B 72 23.27 7.45 -17.89
C VAL B 72 24.41 6.81 -17.11
N LYS B 73 24.22 6.68 -15.79
CA LYS B 73 25.12 5.94 -14.90
C LYS B 73 24.33 4.83 -14.20
N MET B 74 24.76 3.58 -14.41
CA MET B 74 24.14 2.41 -13.78
C MET B 74 24.61 2.40 -12.33
N GLU B 75 23.66 2.21 -11.42
CA GLU B 75 23.94 2.02 -10.01
C GLU B 75 23.51 0.61 -9.76
N ARG B 76 24.50 -0.28 -9.72
CA ARG B 76 24.20 -1.69 -9.64
C ARG B 76 24.06 -2.10 -8.21
N ILE B 77 22.95 -2.75 -7.87
CA ILE B 77 22.64 -3.13 -6.51
C ILE B 77 22.55 -4.65 -6.49
N PRO B 78 23.22 -5.30 -5.53
CA PRO B 78 23.25 -6.75 -5.64
C PRO B 78 21.85 -7.36 -5.52
N ALA B 79 21.64 -8.43 -6.25
CA ALA B 79 20.34 -9.07 -6.30
C ALA B 79 19.75 -9.38 -4.92
N SER B 80 20.59 -9.84 -3.98
CA SER B 80 20.10 -10.44 -2.74
C SER B 80 19.37 -9.49 -1.83
N ASP B 81 19.62 -8.20 -1.95
CA ASP B 81 18.89 -7.28 -1.05
C ASP B 81 18.32 -6.13 -1.84
N TYR B 82 17.96 -6.36 -3.11
CA TYR B 82 17.53 -5.27 -3.99
C TYR B 82 16.26 -4.51 -3.45
N PRO B 83 15.19 -5.22 -3.07
CA PRO B 83 14.00 -4.43 -2.63
C PRO B 83 14.27 -3.46 -1.43
N ALA B 84 14.94 -3.92 -0.38
CA ALA B 84 15.33 -3.02 0.77
C ALA B 84 16.28 -1.90 0.36
N LYS B 85 17.29 -2.22 -0.47
CA LYS B 85 18.30 -1.20 -0.86
C LYS B 85 17.60 -0.12 -1.69
N LEU B 86 16.64 -0.54 -2.54
CA LEU B 86 15.97 0.43 -3.39
C LEU B 86 15.09 1.32 -2.48
N ARG B 87 14.37 0.71 -1.56
CA ARG B 87 13.54 1.50 -0.66
C ARG B 87 14.39 2.59 0.08
N THR B 88 15.53 2.17 0.61
CA THR B 88 16.41 3.12 1.30
C THR B 88 16.84 4.23 0.36
N ALA B 89 17.25 3.85 -0.86
CA ALA B 89 17.70 4.85 -1.84
C ALA B 89 16.59 5.81 -2.21
N MET B 90 15.34 5.31 -2.29
CA MET B 90 14.24 6.16 -2.73
C MET B 90 13.89 7.19 -1.67
N GLY B 91 14.26 6.91 -0.42
CA GLY B 91 14.00 7.85 0.68
C GLY B 91 15.18 8.78 0.91
N SER B 92 16.25 8.61 0.16
CA SER B 92 17.47 9.39 0.37
C SER B 92 17.47 10.64 -0.52
N PRO B 93 18.31 11.64 -0.19
CA PRO B 93 18.50 12.78 -1.08
C PRO B 93 18.96 12.37 -2.48
N ASN B 94 19.65 11.26 -2.56
CA ASN B 94 20.26 10.85 -3.82
C ASN B 94 19.53 9.70 -4.51
N ALA B 95 18.18 9.81 -4.51
CA ALA B 95 17.28 8.77 -5.07
C ALA B 95 17.54 8.65 -6.58
N PRO B 96 17.49 7.40 -7.13
CA PRO B 96 17.78 7.22 -8.55
C PRO B 96 16.74 7.90 -9.41
N ASP B 97 17.16 8.33 -10.59
CA ASP B 97 16.22 8.98 -11.49
C ASP B 97 15.33 7.96 -12.18
N ILE B 98 15.89 6.78 -12.49
CA ILE B 98 15.09 5.66 -12.98
C ILE B 98 15.43 4.45 -12.17
N PHE B 99 14.52 3.48 -12.08
CA PHE B 99 14.88 2.32 -11.32
C PHE B 99 14.17 1.08 -11.84
N PHE B 100 14.80 -0.04 -11.56
CA PHE B 100 14.38 -1.37 -12.00
C PHE B 100 13.30 -1.87 -11.06
N ASN B 101 12.27 -2.49 -11.65
CA ASN B 101 11.14 -3.04 -10.87
C ASN B 101 10.44 -4.20 -11.61
N TRP B 102 9.39 -4.78 -10.98
CA TRP B 102 8.67 -5.87 -11.54
C TRP B 102 7.22 -5.52 -11.80
N GLY B 103 6.86 -4.23 -11.67
CA GLY B 103 5.44 -3.81 -11.60
C GLY B 103 4.76 -4.29 -10.32
N GLY B 104 3.42 -4.21 -10.29
CA GLY B 104 2.64 -4.75 -9.16
C GLY B 104 3.08 -4.14 -7.85
N GLY B 105 3.24 -5.00 -6.85
CA GLY B 105 3.54 -4.57 -5.46
C GLY B 105 4.91 -3.94 -5.40
N SER B 106 5.78 -4.25 -6.38
CA SER B 106 7.12 -3.64 -6.38
C SER B 106 7.10 -2.13 -6.73
N ILE B 107 5.98 -1.62 -7.29
CA ILE B 107 5.82 -0.18 -7.46
C ILE B 107 4.62 0.42 -6.78
N LYS B 108 3.73 -0.39 -6.23
CA LYS B 108 2.42 0.17 -5.73
C LYS B 108 2.67 1.26 -4.69
N ALA B 109 3.57 1.01 -3.73
CA ALA B 109 3.83 2.01 -2.71
C ALA B 109 4.48 3.27 -3.25
N TYR B 110 5.46 3.11 -4.15
CA TYR B 110 6.10 4.28 -4.73
C TYR B 110 5.07 5.10 -5.44
N LYS B 111 4.17 4.44 -6.13
CA LYS B 111 3.15 5.19 -6.90
C LYS B 111 2.23 5.94 -5.92
N GLU B 112 1.76 5.23 -4.90
CA GLU B 112 0.81 5.85 -3.92
C GLU B 112 1.43 6.97 -3.11
N ALA B 113 2.76 6.92 -3.03
CA ALA B 113 3.53 7.93 -2.29
C ALA B 113 3.95 9.09 -3.17
N GLY B 114 3.45 9.11 -4.42
CA GLY B 114 3.68 10.28 -5.33
C GLY B 114 5.09 10.22 -5.96
N GLN B 115 5.81 9.09 -5.81
CA GLN B 115 7.23 9.04 -6.23
C GLN B 115 7.51 8.79 -7.74
N LEU B 116 6.47 8.50 -8.55
CA LEU B 116 6.66 8.06 -9.93
C LEU B 116 6.06 9.02 -10.94
N VAL B 117 6.70 9.09 -12.10
CA VAL B 117 6.09 9.81 -13.21
C VAL B 117 5.06 8.89 -13.87
N ASP B 118 3.81 9.36 -14.07
CA ASP B 118 2.83 8.64 -14.85
C ASP B 118 3.26 8.72 -16.31
N LEU B 119 3.61 7.60 -16.92
CA LEU B 119 4.19 7.61 -18.28
C LEU B 119 3.12 7.50 -19.37
N THR B 120 1.86 7.42 -19.00
CA THR B 120 0.80 7.13 -19.97
C THR B 120 0.88 8.08 -21.13
N ASP B 121 1.00 9.38 -20.86
CA ASP B 121 0.97 10.38 -21.93
C ASP B 121 2.29 10.46 -22.67
N VAL B 122 3.40 10.31 -21.95
CA VAL B 122 4.75 10.22 -22.52
C VAL B 122 4.76 9.11 -23.56
N ILE B 123 4.23 7.93 -23.18
CA ILE B 123 4.27 6.77 -24.10
C ILE B 123 3.34 7.04 -25.31
N LYS B 124 2.17 7.58 -25.02
CA LYS B 124 1.21 7.83 -26.09
C LYS B 124 1.77 8.81 -27.14
N SER B 125 2.47 9.85 -26.69
CA SER B 125 2.92 10.88 -27.64
C SER B 125 4.30 10.62 -28.24
N ASP B 126 5.01 9.58 -27.80
CA ASP B 126 6.31 9.29 -28.34
C ASP B 126 6.14 8.10 -29.30
N GLU B 127 6.44 8.29 -30.58
CA GLU B 127 6.16 7.26 -31.59
C GLU B 127 6.92 5.98 -31.26
N VAL B 128 8.19 6.12 -30.88
CA VAL B 128 9.02 4.95 -30.56
C VAL B 128 8.52 4.16 -29.36
N LEU B 129 8.14 4.87 -28.29
CA LEU B 129 7.66 4.19 -27.07
C LEU B 129 6.30 3.55 -27.31
N SER B 130 5.46 4.30 -28.02
CA SER B 130 4.07 3.93 -28.25
C SER B 130 3.93 2.57 -28.94
N THR B 131 4.78 2.32 -29.92
CA THR B 131 4.68 1.12 -30.74
C THR B 131 5.80 0.14 -30.46
N GLY B 132 6.55 0.42 -29.41
CA GLY B 132 7.82 -0.30 -29.21
C GLY B 132 7.77 -1.62 -28.49
N PHE B 133 6.70 -1.91 -27.71
CA PHE B 133 6.59 -3.11 -26.86
C PHE B 133 5.26 -3.78 -27.04
N LEU B 134 5.21 -5.07 -26.73
CA LEU B 134 3.95 -5.86 -26.69
C LEU B 134 3.00 -5.18 -25.71
N PRO B 135 1.76 -4.84 -26.10
CA PRO B 135 0.87 -4.10 -25.21
C PRO B 135 0.59 -4.78 -23.87
N SER B 136 0.47 -6.10 -23.87
CA SER B 136 0.30 -6.87 -22.64
C SER B 136 1.42 -6.68 -21.61
N VAL B 137 2.62 -6.51 -22.08
CA VAL B 137 3.78 -6.35 -21.20
C VAL B 137 3.75 -4.91 -20.67
N VAL B 138 3.42 -3.92 -21.51
CA VAL B 138 3.29 -2.56 -20.97
C VAL B 138 2.17 -2.49 -19.92
N ALA B 139 1.07 -3.21 -20.17
CA ALA B 139 -0.07 -3.28 -19.21
C ALA B 139 0.42 -3.86 -17.90
N ALA B 140 1.34 -4.83 -17.98
CA ALA B 140 1.85 -5.42 -16.72
C ALA B 140 2.76 -4.47 -15.95
N GLY B 141 3.14 -3.33 -16.55
CA GLY B 141 3.90 -2.35 -15.78
C GLY B 141 2.99 -1.18 -15.36
N SER B 142 1.69 -1.33 -15.47
CA SER B 142 0.69 -0.28 -15.14
C SER B 142 0.06 -0.53 -13.76
N LEU B 143 -0.54 0.50 -13.16
CA LEU B 143 -1.31 0.40 -11.91
C LEU B 143 -2.52 1.28 -12.13
N ASP B 144 -3.70 0.77 -11.81
CA ASP B 144 -4.90 1.67 -11.81
C ASP B 144 -5.09 2.28 -13.24
N GLY B 145 -4.64 1.55 -14.24
CA GLY B 145 -4.87 1.94 -15.66
C GLY B 145 -3.91 2.96 -16.21
N HIS B 146 -2.88 3.29 -15.41
CA HIS B 146 -1.85 4.25 -15.80
C HIS B 146 -0.51 3.50 -15.95
N GLU B 147 0.20 3.77 -17.03
CA GLU B 147 1.46 3.09 -17.28
C GLU B 147 2.61 3.68 -16.50
N TYR B 148 3.36 2.84 -15.75
CA TYR B 148 4.50 3.36 -14.94
C TYR B 148 5.83 2.76 -15.33
N GLY B 149 5.80 1.74 -16.19
CA GLY B 149 7.06 1.06 -16.59
C GLY B 149 7.37 0.94 -18.09
N ILE B 150 8.65 0.98 -18.41
CA ILE B 150 9.08 0.66 -19.74
C ILE B 150 9.81 -0.71 -19.65
N PRO B 151 9.41 -1.69 -20.45
CA PRO B 151 10.02 -3.05 -20.34
C PRO B 151 11.50 -2.99 -20.70
N MET B 152 12.33 -3.70 -19.93
CA MET B 152 13.79 -3.56 -20.16
C MET B 152 14.61 -4.85 -19.98
N ARG B 153 13.94 -5.97 -19.71
CA ARG B 153 14.62 -7.28 -19.79
C ARG B 153 13.76 -8.25 -20.55
N GLY B 154 14.04 -9.55 -20.46
CA GLY B 154 13.15 -10.51 -21.21
C GLY B 154 11.85 -10.82 -20.51
N MET B 155 10.91 -11.48 -21.20
CA MET B 155 9.77 -12.10 -20.55
C MET B 155 10.30 -13.25 -19.68
N GLN B 156 9.68 -13.49 -18.54
CA GLN B 156 10.31 -14.41 -17.59
C GLN B 156 9.28 -15.35 -17.00
N PRO B 157 8.65 -16.17 -17.85
CA PRO B 157 7.91 -17.29 -17.24
C PRO B 157 8.82 -18.30 -16.49
N VAL B 158 8.27 -18.96 -15.48
CA VAL B 158 8.96 -20.04 -14.75
C VAL B 158 8.69 -21.31 -15.53
N LEU B 159 9.78 -22.05 -15.74
CA LEU B 159 9.81 -23.27 -16.57
C LEU B 159 10.52 -24.35 -15.78
N LEU B 160 10.37 -25.60 -16.22
CA LEU B 160 11.09 -26.69 -15.60
C LEU B 160 12.27 -26.98 -16.54
N PHE B 161 13.48 -26.72 -16.06
CA PHE B 161 14.67 -27.04 -16.85
C PHE B 161 15.21 -28.38 -16.37
N TYR B 162 15.98 -29.04 -17.23
CA TYR B 162 16.52 -30.36 -16.84
C TYR B 162 17.83 -30.68 -17.61
N ASN B 163 18.54 -31.68 -17.11
CA ASN B 163 19.86 -32.02 -17.64
C ASN B 163 19.62 -33.24 -18.56
N LYS B 164 19.89 -33.07 -19.83
CA LYS B 164 19.47 -34.08 -20.78
C LYS B 164 20.45 -35.28 -20.69
N SER B 165 21.66 -35.03 -20.21
CA SER B 165 22.65 -36.11 -19.98
C SER B 165 22.18 -37.04 -18.90
N VAL B 166 21.82 -36.44 -17.76
CA VAL B 166 21.34 -37.15 -16.59
C VAL B 166 20.10 -38.00 -16.94
N PHE B 167 19.15 -37.39 -17.61
CA PHE B 167 17.96 -38.10 -18.03
C PHE B 167 18.30 -39.31 -18.94
N ALA B 168 19.13 -39.06 -19.97
CA ALA B 168 19.52 -40.10 -20.92
C ALA B 168 20.19 -41.28 -20.20
N GLU B 169 21.08 -40.99 -19.26
CA GLU B 169 21.76 -42.02 -18.45
C GLU B 169 20.79 -42.87 -17.62
N HIS B 170 19.66 -42.29 -17.22
CA HIS B 170 18.70 -43.01 -16.40
C HIS B 170 17.36 -43.27 -17.12
N LYS B 171 17.37 -43.13 -18.43
CA LYS B 171 16.19 -43.40 -19.24
C LYS B 171 14.94 -42.61 -18.82
N LEU B 172 15.16 -41.36 -18.41
CA LEU B 172 14.07 -40.47 -18.01
C LEU B 172 13.63 -39.55 -19.13
N THR B 173 12.37 -39.18 -19.07
CA THR B 173 11.72 -38.31 -20.01
C THR B 173 11.14 -37.10 -19.22
N PRO B 174 11.10 -35.90 -19.82
CA PRO B 174 10.55 -34.73 -19.11
C PRO B 174 9.10 -34.96 -18.71
N PRO B 175 8.74 -34.66 -17.45
CA PRO B 175 7.40 -35.10 -16.99
C PRO B 175 6.28 -34.20 -17.50
N THR B 176 5.26 -34.79 -18.12
CA THR B 176 4.11 -34.03 -18.55
C THR B 176 3.06 -33.98 -17.42
N THR B 177 3.12 -34.87 -16.41
CA THR B 177 2.20 -34.91 -15.28
C THR B 177 2.93 -34.88 -13.97
N TRP B 178 2.21 -34.46 -12.91
CA TRP B 178 2.76 -34.56 -11.56
C TRP B 178 3.21 -35.99 -11.18
N ASP B 179 2.43 -37.01 -11.56
CA ASP B 179 2.79 -38.40 -11.20
C ASP B 179 4.11 -38.85 -11.85
N GLN B 180 4.31 -38.43 -13.09
CA GLN B 180 5.59 -38.66 -13.76
C GLN B 180 6.72 -37.85 -13.14
N LEU B 181 6.42 -36.65 -12.63
CA LEU B 181 7.45 -35.90 -11.95
C LEU B 181 7.88 -36.64 -10.68
N LEU B 182 6.91 -37.19 -9.95
CA LEU B 182 7.23 -37.99 -8.80
C LEU B 182 8.04 -39.24 -9.15
N ASP B 183 7.70 -39.90 -10.26
CA ASP B 183 8.44 -41.10 -10.76
C ASP B 183 9.87 -40.69 -11.03
N ASN B 184 10.04 -39.57 -11.73
CA ASN B 184 11.41 -39.08 -11.94
C ASN B 184 12.18 -38.79 -10.66
N VAL B 185 11.52 -38.25 -9.63
CA VAL B 185 12.15 -37.97 -8.34
C VAL B 185 12.64 -39.26 -7.66
N ALA B 186 11.80 -40.28 -7.70
CA ALA B 186 12.14 -41.55 -7.08
C ALA B 186 13.36 -42.22 -7.77
N LYS B 187 13.33 -42.25 -9.09
CA LYS B 187 14.49 -42.77 -9.87
C LYS B 187 15.80 -42.00 -9.71
N LEU B 188 15.77 -40.66 -9.68
CA LEU B 188 16.99 -39.90 -9.47
C LEU B 188 17.52 -40.13 -8.06
N LYS B 189 16.64 -40.09 -7.07
CA LYS B 189 17.00 -40.37 -5.68
C LYS B 189 17.78 -41.71 -5.63
N LYS B 190 17.21 -42.74 -6.26
CA LYS B 190 17.79 -44.10 -6.27
C LYS B 190 19.17 -44.08 -6.94
N ALA B 191 19.29 -43.30 -8.00
CA ALA B 191 20.52 -43.18 -8.74
C ALA B 191 21.52 -42.26 -8.05
N GLY B 192 21.16 -41.72 -6.87
CA GLY B 192 22.06 -40.84 -6.11
C GLY B 192 22.15 -39.43 -6.68
N VAL B 193 21.16 -39.00 -7.43
CA VAL B 193 21.20 -37.63 -7.98
C VAL B 193 20.07 -36.86 -7.29
N THR B 194 20.36 -35.68 -6.77
CA THR B 194 19.34 -34.78 -6.18
C THR B 194 18.29 -34.48 -7.26
N PRO B 195 17.00 -34.81 -7.02
CA PRO B 195 16.09 -34.63 -8.17
C PRO B 195 16.02 -33.18 -8.69
N PHE B 196 15.89 -32.23 -7.78
CA PHE B 196 15.78 -30.80 -8.13
C PHE B 196 16.81 -30.00 -7.42
N ALA B 197 17.52 -29.16 -8.17
CA ALA B 197 18.32 -28.12 -7.57
C ALA B 197 17.34 -27.11 -6.97
N LEU B 198 17.76 -26.40 -5.93
CA LEU B 198 16.89 -25.46 -5.26
C LEU B 198 17.74 -24.45 -4.51
N GLY B 199 17.52 -23.17 -4.82
CA GLY B 199 18.24 -22.11 -4.09
C GLY B 199 17.43 -21.71 -2.86
N GLY B 200 17.54 -22.51 -1.78
CA GLY B 200 16.82 -22.22 -0.55
C GLY B 200 17.14 -20.88 0.10
N VAL B 201 18.38 -20.38 -0.10
CA VAL B 201 18.80 -19.19 0.62
C VAL B 201 17.86 -17.99 0.35
N GLU B 202 17.51 -17.80 -0.92
CA GLU B 202 16.76 -16.58 -1.31
C GLU B 202 15.28 -16.73 -1.01
N ILE B 203 14.83 -17.97 -0.76
CA ILE B 203 13.43 -18.35 -0.47
C ILE B 203 12.48 -18.17 -1.65
N TRP B 204 12.60 -17.10 -2.44
CA TRP B 204 11.72 -17.06 -3.65
C TRP B 204 11.84 -18.24 -4.64
N PRO B 205 13.00 -18.95 -4.72
CA PRO B 205 12.99 -20.15 -5.55
C PRO B 205 12.09 -21.27 -4.99
N GLU B 206 11.91 -21.33 -3.67
CA GLU B 206 10.95 -22.26 -3.07
C GLU B 206 9.50 -21.84 -3.36
N LEU B 207 9.24 -20.55 -3.20
CA LEU B 207 7.93 -19.94 -3.58
C LEU B 207 7.45 -20.42 -5.00
N MET B 208 8.35 -20.51 -5.98
CA MET B 208 7.95 -20.97 -7.32
C MET B 208 7.11 -22.26 -7.34
N TRP B 209 7.50 -23.21 -6.49
CA TRP B 209 6.73 -24.47 -6.34
C TRP B 209 5.31 -24.19 -5.89
N LEU B 210 5.17 -23.36 -4.83
CA LEU B 210 3.83 -23.00 -4.37
C LEU B 210 3.03 -22.32 -5.48
N GLU B 211 3.68 -21.45 -6.22
CA GLU B 211 2.96 -20.68 -7.22
C GLU B 211 2.33 -21.54 -8.29
N TYR B 212 3.12 -22.46 -8.85
CA TYR B 212 2.61 -23.36 -9.85
C TYR B 212 1.62 -24.32 -9.27
N LEU B 213 1.88 -24.83 -8.05
CA LEU B 213 0.93 -25.76 -7.47
C LEU B 213 -0.46 -25.15 -7.19
N VAL B 214 -0.48 -23.96 -6.61
CA VAL B 214 -1.77 -23.31 -6.33
C VAL B 214 -2.49 -23.01 -7.61
N ASP B 215 -1.77 -22.53 -8.62
CA ASP B 215 -2.46 -22.24 -9.88
C ASP B 215 -3.03 -23.51 -10.57
N ARG B 216 -2.17 -24.56 -10.66
CA ARG B 216 -2.61 -25.81 -11.27
C ARG B 216 -3.82 -26.37 -10.49
N ILE B 217 -3.76 -26.29 -9.15
CA ILE B 217 -4.82 -26.92 -8.35
C ILE B 217 -6.10 -26.13 -8.37
N GLY B 218 -5.97 -24.84 -8.07
CA GLY B 218 -7.13 -24.01 -7.84
C GLY B 218 -7.42 -22.93 -8.83
N GLY B 219 -6.61 -22.85 -9.89
CA GLY B 219 -6.68 -21.75 -10.85
C GLY B 219 -6.25 -20.38 -10.33
N PRO B 220 -6.36 -19.37 -11.18
CA PRO B 220 -5.73 -18.07 -10.90
C PRO B 220 -6.49 -17.24 -9.86
N GLN B 221 -7.77 -17.57 -9.62
CA GLN B 221 -8.56 -16.71 -8.71
C GLN B 221 -8.18 -16.82 -7.25
N VAL B 222 -7.53 -17.92 -6.88
CA VAL B 222 -7.04 -18.18 -5.51
C VAL B 222 -6.03 -17.10 -5.17
N PHE B 223 -4.96 -16.98 -5.98
CA PHE B 223 -3.96 -15.95 -5.67
C PHE B 223 -4.51 -14.57 -5.94
N ASP B 224 -5.40 -14.39 -6.93
CA ASP B 224 -5.98 -13.03 -7.18
C ASP B 224 -6.58 -12.43 -5.92
N LYS B 225 -7.33 -13.27 -5.21
CA LYS B 225 -8.04 -12.83 -4.02
C LYS B 225 -7.06 -12.39 -2.92
N ILE B 226 -5.99 -13.15 -2.76
CA ILE B 226 -4.94 -12.87 -1.78
C ILE B 226 -4.19 -11.62 -2.17
N ARG B 227 -3.78 -11.53 -3.44
CA ARG B 227 -2.98 -10.40 -3.95
C ARG B 227 -3.72 -9.08 -3.74
N ASN B 228 -5.04 -9.16 -3.89
CA ASN B 228 -5.91 -7.96 -3.76
C ASN B 228 -6.06 -7.52 -2.32
N GLY B 229 -5.56 -8.34 -1.41
CA GLY B 229 -5.38 -7.91 -0.06
C GLY B 229 -6.12 -8.72 0.98
N ASP B 230 -6.83 -9.77 0.54
CA ASP B 230 -7.66 -10.53 1.45
C ASP B 230 -6.85 -11.66 2.12
N ALA B 231 -6.36 -11.46 3.38
CA ALA B 231 -5.50 -12.49 4.00
C ALA B 231 -6.25 -13.76 4.27
N SER B 232 -7.58 -13.67 4.36
CA SER B 232 -8.40 -14.83 4.59
C SER B 232 -8.26 -15.79 3.43
N GLY B 233 -7.84 -15.23 2.30
CA GLY B 233 -7.74 -15.99 1.05
C GLY B 233 -6.69 -17.05 1.17
N TRP B 234 -5.74 -16.90 2.10
CA TRP B 234 -4.71 -17.95 2.34
C TRP B 234 -5.31 -19.22 2.95
N GLY B 235 -6.54 -19.09 3.43
CA GLY B 235 -7.38 -20.21 3.85
C GLY B 235 -7.98 -21.09 2.76
N ASP B 236 -7.83 -20.70 1.49
CA ASP B 236 -8.38 -21.51 0.38
C ASP B 236 -7.83 -22.94 0.41
N PRO B 237 -8.71 -23.96 0.21
CA PRO B 237 -8.15 -25.31 0.24
C PRO B 237 -7.05 -25.54 -0.78
N ALA B 238 -7.01 -24.79 -1.89
CA ALA B 238 -5.90 -25.04 -2.82
C ALA B 238 -4.55 -24.69 -2.22
N VAL B 239 -4.50 -23.63 -1.40
CA VAL B 239 -3.27 -23.30 -0.74
C VAL B 239 -2.80 -24.40 0.21
N LEU B 240 -3.72 -24.91 1.01
CA LEU B 240 -3.34 -25.97 1.95
C LEU B 240 -2.83 -27.18 1.14
N LYS B 241 -3.49 -27.49 0.02
CA LYS B 241 -3.08 -28.69 -0.77
C LYS B 241 -1.69 -28.48 -1.40
N ALA B 242 -1.47 -27.28 -1.98
CA ALA B 242 -0.12 -26.94 -2.39
C ALA B 242 0.90 -27.07 -1.27
N ALA B 243 0.60 -26.53 -0.09
CA ALA B 243 1.56 -26.57 1.00
C ALA B 243 1.83 -28.03 1.43
N GLN B 244 0.78 -28.86 1.43
CA GLN B 244 1.01 -30.29 1.83
C GLN B 244 1.88 -31.02 0.77
N THR B 245 1.65 -30.69 -0.50
CA THR B 245 2.36 -31.32 -1.65
C THR B 245 3.82 -30.95 -1.58
N VAL B 246 4.10 -29.69 -1.23
CA VAL B 246 5.49 -29.24 -1.04
C VAL B 246 6.20 -29.96 0.12
N LYS B 247 5.47 -30.16 1.23
CA LYS B 247 6.04 -30.85 2.37
C LYS B 247 6.38 -32.28 1.96
N GLN B 248 5.49 -32.93 1.25
CA GLN B 248 5.78 -34.29 0.75
C GLN B 248 7.04 -34.35 -0.10
N LEU B 249 7.21 -33.40 -1.04
CA LEU B 249 8.43 -33.35 -1.84
C LEU B 249 9.63 -33.24 -0.96
N VAL B 250 9.61 -32.30 -0.01
CA VAL B 250 10.75 -32.11 0.86
C VAL B 250 11.05 -33.40 1.66
N ASP B 251 10.02 -33.94 2.32
CA ASP B 251 10.19 -35.05 3.25
C ASP B 251 10.72 -36.30 2.54
N GLU B 252 10.22 -36.50 1.33
CA GLU B 252 10.67 -37.54 0.40
C GLU B 252 11.91 -37.25 -0.47
N GLY B 253 12.77 -36.33 -0.03
CA GLY B 253 14.07 -36.09 -0.68
C GLY B 253 14.14 -35.49 -2.08
N ALA B 254 13.07 -34.85 -2.52
CA ALA B 254 13.09 -34.25 -3.87
C ALA B 254 14.14 -33.14 -4.02
N PHE B 255 14.50 -32.49 -2.92
CA PHE B 255 15.51 -31.41 -2.98
C PHE B 255 16.79 -31.80 -2.19
N GLY B 256 16.86 -33.09 -1.80
CA GLY B 256 17.94 -33.54 -0.90
C GLY B 256 17.96 -32.83 0.44
N LYS B 257 19.13 -32.84 1.05
CA LYS B 257 19.30 -32.38 2.38
C LYS B 257 19.97 -31.02 2.22
N GLY B 258 19.69 -30.08 3.10
CA GLY B 258 20.47 -28.80 3.03
C GLY B 258 20.33 -27.86 1.81
N PHE B 259 19.22 -27.96 1.07
CA PHE B 259 18.90 -26.95 0.02
C PHE B 259 18.76 -25.57 0.64
N SER B 260 18.43 -25.53 1.95
CA SER B 260 18.24 -24.20 2.62
C SER B 260 19.52 -23.39 2.68
N SER B 261 20.67 -24.04 2.42
CA SER B 261 21.98 -23.42 2.38
C SER B 261 22.55 -23.15 0.98
N VAL B 262 21.82 -23.56 -0.05
CA VAL B 262 22.27 -23.36 -1.43
C VAL B 262 21.66 -22.08 -1.97
N SER B 263 22.46 -21.29 -2.61
CA SER B 263 21.97 -19.99 -3.17
C SER B 263 21.77 -20.09 -4.67
N TYR B 264 20.73 -19.41 -5.12
CA TYR B 264 20.52 -19.19 -6.55
C TYR B 264 21.44 -18.07 -7.09
N ASN B 265 21.49 -16.95 -6.36
CA ASN B 265 22.11 -15.73 -6.82
C ASN B 265 23.63 -15.84 -6.96
N ASN B 266 24.28 -16.76 -6.22
CA ASN B 266 25.73 -16.88 -6.44
C ASN B 266 26.05 -17.93 -7.48
N GLY B 267 25.01 -18.48 -8.12
CA GLY B 267 25.25 -19.49 -9.17
C GLY B 267 25.19 -20.93 -8.63
N GLY B 268 25.08 -21.10 -7.32
CA GLY B 268 25.14 -22.45 -6.70
C GLY B 268 24.08 -23.40 -7.25
N ALA B 269 22.82 -22.95 -7.28
CA ALA B 269 21.77 -23.84 -7.73
C ALA B 269 21.92 -24.09 -9.24
N PRO B 270 22.14 -23.04 -10.06
CA PRO B 270 22.30 -23.44 -11.46
C PRO B 270 23.53 -24.42 -11.68
N ALA B 271 24.58 -24.24 -10.91
CA ALA B 271 25.75 -25.15 -11.13
C ALA B 271 25.44 -26.62 -10.82
N LEU B 272 24.61 -26.89 -9.80
CA LEU B 272 24.14 -28.25 -9.48
C LEU B 272 23.53 -28.91 -10.72
N LEU B 273 22.66 -28.17 -11.41
CA LEU B 273 22.09 -28.67 -12.65
C LEU B 273 23.13 -28.93 -13.79
N ALA B 274 23.95 -27.90 -14.07
CA ALA B 274 24.93 -27.96 -15.17
C ALA B 274 25.98 -29.05 -14.93
N LYS B 275 26.33 -29.32 -13.68
CA LYS B 275 27.26 -30.45 -13.34
C LYS B 275 26.60 -31.85 -13.20
N GLY B 276 25.31 -31.93 -13.46
CA GLY B 276 24.62 -33.19 -13.30
C GLY B 276 24.59 -33.65 -11.84
N LYS B 277 24.75 -32.75 -10.88
CA LYS B 277 24.49 -33.10 -9.48
C LYS B 277 23.00 -33.10 -9.15
N ALA B 278 22.25 -32.41 -10.01
CA ALA B 278 20.79 -32.42 -9.94
C ALA B 278 20.23 -32.67 -11.32
N GLY B 279 19.01 -33.21 -11.39
CA GLY B 279 18.37 -33.59 -12.65
C GLY B 279 17.52 -32.47 -13.28
N MET B 280 16.91 -31.70 -12.40
CA MET B 280 15.87 -30.73 -12.80
C MET B 280 15.96 -29.47 -11.94
N HIS B 281 15.28 -28.39 -12.40
CA HIS B 281 15.44 -27.09 -11.72
C HIS B 281 14.26 -26.23 -12.16
N LEU B 282 13.40 -25.81 -11.21
CA LEU B 282 12.21 -25.05 -11.58
C LEU B 282 12.66 -23.60 -11.46
N MET B 283 12.68 -22.84 -12.55
CA MET B 283 13.26 -21.48 -12.46
C MET B 283 12.69 -20.58 -13.49
N GLY B 284 12.69 -19.27 -13.19
CA GLY B 284 12.41 -18.26 -14.22
C GLY B 284 13.29 -18.52 -15.45
N SER B 285 12.81 -18.08 -16.62
CA SER B 285 13.50 -18.35 -17.91
C SER B 285 14.90 -17.69 -18.05
N TRP B 286 15.23 -16.81 -17.13
CA TRP B 286 16.59 -16.27 -17.01
C TRP B 286 17.60 -17.36 -16.68
N GLU B 287 17.13 -18.52 -16.24
CA GLU B 287 18.01 -19.68 -16.04
C GLU B 287 18.78 -20.02 -17.31
N TYR B 288 18.11 -19.92 -18.46
CA TYR B 288 18.77 -20.27 -19.71
C TYR B 288 19.95 -19.32 -19.93
N SER B 289 19.73 -18.02 -19.73
CA SER B 289 20.77 -17.04 -19.91
C SER B 289 21.90 -17.26 -18.93
N THR B 290 21.51 -17.54 -17.69
CA THR B 290 22.46 -17.80 -16.60
C THR B 290 23.36 -18.98 -16.98
N GLN B 291 22.74 -20.10 -17.40
CA GLN B 291 23.47 -21.30 -17.88
C GLN B 291 24.40 -20.99 -19.07
N LEU B 292 23.87 -20.28 -20.08
CA LEU B 292 24.66 -19.93 -21.29
C LEU B 292 25.94 -19.13 -20.95
N GLY B 293 25.85 -18.25 -19.96
CA GLY B 293 26.97 -17.39 -19.63
C GLY B 293 27.95 -18.14 -18.74
N LYS B 294 27.41 -18.94 -17.82
CA LYS B 294 28.27 -19.62 -16.81
C LYS B 294 28.77 -20.99 -17.25
N PHE B 295 27.91 -21.75 -17.94
CA PHE B 295 28.27 -23.09 -18.46
C PHE B 295 27.87 -23.26 -19.95
N PRO B 296 28.56 -22.53 -20.86
CA PRO B 296 28.12 -22.53 -22.25
C PRO B 296 28.02 -23.92 -22.89
N ASP B 297 28.97 -24.80 -22.56
CA ASP B 297 28.96 -26.18 -23.09
C ASP B 297 27.69 -26.93 -22.72
N PHE B 298 27.38 -26.90 -21.43
CA PHE B 298 26.14 -27.45 -20.93
C PHE B 298 24.90 -26.84 -21.62
N ALA B 299 24.85 -25.52 -21.66
CA ALA B 299 23.68 -24.79 -22.20
C ALA B 299 23.48 -25.12 -23.69
N LYS B 300 24.58 -25.30 -24.41
CA LYS B 300 24.48 -25.62 -25.83
C LYS B 300 24.03 -27.06 -26.08
N LYS B 301 24.45 -27.99 -25.25
CA LYS B 301 24.24 -29.40 -25.59
C LYS B 301 23.25 -30.13 -24.71
N ASP B 302 23.23 -29.81 -23.42
CA ASP B 302 22.65 -30.72 -22.46
C ASP B 302 21.55 -30.10 -21.57
N LEU B 303 21.14 -28.89 -21.92
CA LEU B 303 20.07 -28.21 -21.19
C LEU B 303 18.75 -28.42 -21.90
N GLY B 304 17.79 -29.03 -21.19
CA GLY B 304 16.44 -29.14 -21.74
C GLY B 304 15.44 -28.29 -20.94
N TRP B 305 14.20 -28.24 -21.44
CA TRP B 305 13.15 -27.40 -20.81
C TRP B 305 11.78 -28.01 -21.09
N CYS B 306 10.84 -27.78 -20.17
CA CYS B 306 9.45 -28.15 -20.39
C CYS B 306 8.59 -27.31 -19.45
N ALA B 307 7.29 -27.23 -19.78
CA ALA B 307 6.31 -26.56 -18.89
C ALA B 307 6.20 -27.29 -17.57
N PHE B 308 5.85 -26.57 -16.52
CA PHE B 308 5.39 -27.21 -15.30
C PHE B 308 4.26 -28.22 -15.65
N PRO B 309 4.29 -29.42 -15.07
CA PRO B 309 3.35 -30.47 -15.50
C PRO B 309 1.91 -30.24 -15.08
N SER B 310 0.99 -31.12 -15.54
CA SER B 310 -0.42 -31.06 -15.09
C SER B 310 -0.50 -31.65 -13.68
N PHE B 311 -1.65 -31.48 -13.02
CA PHE B 311 -1.77 -32.04 -11.66
C PHE B 311 -3.14 -32.69 -11.68
N GLU B 312 -3.23 -34.00 -11.43
CA GLU B 312 -4.52 -34.67 -11.58
C GLU B 312 -5.68 -34.01 -10.77
N GLY B 313 -6.79 -33.71 -11.45
CA GLY B 313 -7.97 -33.13 -10.77
C GLY B 313 -7.87 -31.61 -10.70
N GLY B 314 -6.68 -31.07 -10.99
CA GLY B 314 -6.54 -29.57 -10.93
C GLY B 314 -7.45 -28.82 -11.89
N ALA B 315 -7.92 -27.67 -11.41
CA ALA B 315 -8.88 -26.87 -12.14
C ALA B 315 -8.17 -25.85 -13.03
N GLY B 316 -6.88 -25.61 -12.77
CA GLY B 316 -6.22 -24.51 -13.55
C GLY B 316 -5.95 -24.88 -14.99
N ASP B 317 -5.99 -23.92 -15.88
CA ASP B 317 -5.68 -24.21 -17.28
C ASP B 317 -4.19 -24.53 -17.32
N ILE B 318 -3.79 -25.67 -17.90
CA ILE B 318 -2.35 -26.00 -17.87
C ILE B 318 -1.52 -25.06 -18.72
N ARG B 319 -2.17 -24.21 -19.52
CA ARG B 319 -1.45 -23.20 -20.30
C ARG B 319 -1.07 -21.98 -19.45
N ASN B 320 -1.62 -21.87 -18.24
CA ASN B 320 -1.22 -20.73 -17.36
C ASN B 320 0.25 -20.77 -16.98
N VAL B 321 0.81 -19.59 -16.77
CA VAL B 321 2.21 -19.45 -16.34
C VAL B 321 2.26 -18.56 -15.11
N VAL B 322 3.32 -18.73 -14.35
CA VAL B 322 3.64 -17.82 -13.27
C VAL B 322 5.09 -17.29 -13.53
N GLY B 323 5.45 -16.13 -12.97
CA GLY B 323 6.80 -15.56 -13.12
C GLY B 323 6.71 -14.06 -13.25
N ASN B 324 7.56 -13.49 -14.11
CA ASN B 324 7.58 -12.04 -14.26
C ASN B 324 7.32 -11.71 -15.70
N PRO B 325 6.27 -10.93 -15.98
CA PRO B 325 6.05 -10.59 -17.39
C PRO B 325 7.25 -9.88 -18.01
N CYS B 326 7.93 -9.04 -17.20
CA CYS B 326 9.22 -8.44 -17.60
C CYS B 326 9.85 -7.83 -16.37
N ASN B 327 10.95 -7.11 -16.56
CA ASN B 327 11.29 -6.06 -15.59
C ASN B 327 11.12 -4.70 -16.26
N TYR B 328 10.92 -3.65 -15.47
CA TYR B 328 10.58 -2.32 -15.98
C TYR B 328 11.53 -1.28 -15.44
N TRP B 329 11.81 -0.23 -16.21
CA TRP B 329 12.28 1.03 -15.63
C TRP B 329 11.05 1.89 -15.29
N SER B 330 11.04 2.47 -14.08
CA SER B 330 10.09 3.56 -13.74
C SER B 330 10.90 4.82 -13.51
N VAL B 331 10.24 5.96 -13.65
CA VAL B 331 10.94 7.24 -13.56
C VAL B 331 10.53 7.96 -12.27
N ASN B 332 11.51 8.46 -11.51
CA ASN B 332 11.29 9.18 -10.25
C ASN B 332 10.63 10.53 -10.57
N ALA B 333 9.54 10.82 -9.86
CA ALA B 333 8.82 12.09 -10.06
C ALA B 333 9.73 13.30 -9.71
N ARG B 334 10.79 13.08 -8.96
CA ARG B 334 11.67 14.17 -8.54
C ARG B 334 12.78 14.42 -9.52
N THR B 335 12.82 13.69 -10.63
CA THR B 335 13.98 13.82 -11.49
C THR B 335 14.09 15.21 -12.15
N GLY B 336 15.31 15.70 -12.27
CA GLY B 336 15.61 16.98 -12.94
C GLY B 336 15.80 16.94 -14.45
N ASN B 337 16.06 15.75 -15.02
CA ASN B 337 16.07 15.66 -16.49
C ASN B 337 15.14 14.55 -16.98
N LYS B 338 13.83 14.80 -16.81
CA LYS B 338 12.80 13.88 -17.32
C LYS B 338 13.06 13.53 -18.81
N ASP B 339 13.36 14.54 -19.64
CA ASP B 339 13.61 14.32 -21.08
C ASP B 339 14.81 13.45 -21.41
N GLY B 340 15.88 13.63 -20.67
CA GLY B 340 17.02 12.74 -20.77
C GLY B 340 16.66 11.30 -20.42
N ALA B 341 15.93 11.12 -19.31
CA ALA B 341 15.55 9.77 -18.89
C ALA B 341 14.64 9.09 -19.96
N ILE B 342 13.68 9.84 -20.52
CA ILE B 342 12.81 9.34 -21.63
C ILE B 342 13.67 8.93 -22.84
N ALA B 343 14.68 9.74 -23.14
CA ALA B 343 15.58 9.43 -24.21
C ALA B 343 16.28 8.09 -24.01
N PHE B 344 16.79 7.85 -22.81
CA PHE B 344 17.40 6.58 -22.54
C PHE B 344 16.35 5.50 -22.61
N LEU B 345 15.12 5.79 -22.16
CA LEU B 345 14.09 4.72 -22.21
C LEU B 345 13.75 4.29 -23.62
N ARG B 346 13.77 5.24 -24.56
CA ARG B 346 13.59 4.92 -25.99
C ARG B 346 14.52 3.79 -26.50
N ASP B 347 15.73 3.74 -25.96
CA ASP B 347 16.73 2.78 -26.39
C ASP B 347 16.23 1.40 -26.07
N CYS B 348 15.41 1.27 -25.00
CA CYS B 348 14.84 -0.07 -24.66
C CYS B 348 14.02 -0.71 -25.76
N ALA B 349 13.50 0.10 -26.68
CA ALA B 349 12.72 -0.42 -27.82
C ALA B 349 13.57 -0.71 -29.11
N SER B 350 14.87 -0.37 -29.05
CA SER B 350 15.71 -0.39 -30.25
C SER B 350 16.09 -1.80 -30.71
N GLU B 351 16.38 -1.88 -32.00
CA GLU B 351 17.06 -3.05 -32.50
C GLU B 351 18.33 -3.43 -31.70
N ALA B 352 19.19 -2.46 -31.36
CA ALA B 352 20.47 -2.79 -30.68
C ALA B 352 20.22 -3.38 -29.29
N TYR B 353 19.27 -2.76 -28.54
CA TYR B 353 18.88 -3.35 -27.21
C TYR B 353 18.26 -4.72 -27.33
N THR B 354 17.39 -4.91 -28.31
CA THR B 354 16.73 -6.18 -28.54
C THR B 354 17.78 -7.29 -28.86
N LYS B 355 18.72 -6.94 -29.71
CA LYS B 355 19.79 -7.88 -30.10
C LYS B 355 20.65 -8.26 -28.91
N ASP B 356 20.98 -7.28 -28.06
CA ASP B 356 21.78 -7.56 -26.88
C ASP B 356 21.04 -8.50 -25.93
N LEU B 357 19.74 -8.30 -25.74
CA LEU B 357 18.91 -9.29 -24.96
C LEU B 357 18.87 -10.68 -25.54
N ILE B 358 18.61 -10.77 -26.84
CA ILE B 358 18.57 -12.01 -27.51
C ILE B 358 19.95 -12.71 -27.37
N ASP B 359 21.03 -12.00 -27.65
CA ASP B 359 22.39 -12.60 -27.53
C ASP B 359 22.71 -13.11 -26.12
N ASN B 360 22.11 -12.48 -25.12
CA ASN B 360 22.21 -12.94 -23.73
C ASN B 360 21.43 -14.21 -23.45
N GLY B 361 20.46 -14.56 -24.29
CA GLY B 361 19.65 -15.74 -24.02
C GLY B 361 18.21 -15.38 -23.62
N ASP B 362 17.90 -14.10 -23.66
CA ASP B 362 16.56 -13.61 -23.26
C ASP B 362 15.63 -13.49 -24.45
N VAL B 363 14.32 -13.49 -24.18
CA VAL B 363 13.33 -13.26 -25.23
C VAL B 363 12.69 -11.92 -24.90
N PRO B 364 13.04 -10.90 -25.67
CA PRO B 364 12.59 -9.52 -25.36
C PRO B 364 11.11 -9.36 -25.67
N THR B 365 10.58 -8.27 -25.16
CA THR B 365 9.14 -7.95 -25.21
C THR B 365 8.93 -6.77 -26.16
N THR B 366 9.97 -6.43 -26.94
CA THR B 366 9.81 -5.37 -27.92
C THR B 366 9.04 -5.91 -29.11
N THR B 367 8.33 -5.04 -29.84
CA THR B 367 7.51 -5.48 -30.96
C THR B 367 8.34 -6.16 -32.09
N ILE B 368 9.55 -5.69 -32.27
CA ILE B 368 10.49 -6.23 -33.25
C ILE B 368 11.17 -7.55 -32.87
N ALA B 369 11.09 -7.94 -31.60
CA ALA B 369 11.74 -9.17 -31.19
C ALA B 369 11.17 -10.45 -31.86
N GLU B 370 9.85 -10.51 -32.09
CA GLU B 370 9.25 -11.75 -32.59
C GLU B 370 9.98 -12.19 -33.86
N ASN B 371 10.22 -11.18 -34.70
CA ASN B 371 10.87 -11.42 -36.02
C ASN B 371 12.38 -11.67 -35.96
N MET B 372 12.91 -11.75 -34.75
CA MET B 372 14.34 -11.87 -34.59
C MET B 372 14.70 -13.14 -33.79
N LEU B 373 13.72 -13.96 -33.46
CA LEU B 373 14.03 -15.13 -32.61
C LEU B 373 14.94 -16.18 -33.20
N ASP B 374 14.93 -16.30 -34.52
CA ASP B 374 15.89 -17.24 -35.14
C ASP B 374 17.34 -16.85 -34.96
N SER B 375 17.60 -15.61 -34.55
CA SER B 375 18.96 -15.18 -34.23
C SER B 375 19.41 -15.59 -32.81
N SER B 376 18.51 -16.20 -32.04
CA SER B 376 18.81 -16.56 -30.66
C SER B 376 19.87 -17.63 -30.58
N PRO B 377 20.61 -17.67 -29.45
CA PRO B 377 21.54 -18.80 -29.26
C PRO B 377 20.84 -20.15 -29.38
N ASN B 378 19.54 -20.21 -29.04
CA ASN B 378 18.80 -21.45 -29.16
C ASN B 378 17.41 -21.08 -29.67
N PRO B 379 17.24 -21.05 -30.99
CA PRO B 379 15.96 -20.63 -31.55
C PRO B 379 14.75 -21.44 -31.10
N GLU B 380 14.92 -22.76 -30.90
CA GLU B 380 13.83 -23.63 -30.42
C GLU B 380 13.34 -23.22 -29.02
N PHE B 381 14.30 -22.96 -28.14
CA PHE B 381 13.95 -22.48 -26.78
C PHE B 381 13.27 -21.09 -26.83
N ALA B 382 13.88 -20.16 -27.58
CA ALA B 382 13.29 -18.83 -27.69
C ALA B 382 11.85 -18.90 -28.18
N LYS B 383 11.62 -19.72 -29.20
CA LYS B 383 10.30 -19.88 -29.74
C LYS B 383 9.35 -20.59 -28.80
N PHE B 384 9.82 -21.61 -28.09
CA PHE B 384 9.00 -22.34 -27.11
C PHE B 384 8.55 -21.32 -26.06
N GLN B 385 9.52 -20.50 -25.62
CA GLN B 385 9.22 -19.54 -24.55
C GLN B 385 8.26 -18.41 -24.96
N TYR B 386 8.48 -17.85 -26.15
CA TYR B 386 7.59 -16.81 -26.74
C TYR B 386 6.18 -17.36 -26.86
N GLN B 387 6.02 -18.57 -27.37
CA GLN B 387 4.64 -19.04 -27.60
C GLN B 387 3.96 -19.46 -26.26
N LEU B 388 4.75 -19.98 -25.32
CA LEU B 388 4.21 -20.39 -24.01
C LEU B 388 3.58 -19.17 -23.34
N VAL B 389 4.28 -18.05 -23.40
CA VAL B 389 3.72 -16.81 -22.80
C VAL B 389 2.54 -16.27 -23.62
N GLN B 390 2.64 -16.29 -24.96
CA GLN B 390 1.59 -15.72 -25.84
C GLN B 390 0.28 -16.51 -25.68
N LYS B 391 0.41 -17.81 -25.47
CA LYS B 391 -0.75 -18.74 -25.34
C LYS B 391 -1.36 -18.81 -23.93
N ALA B 392 -0.64 -18.31 -22.91
CA ALA B 392 -1.09 -18.38 -21.54
C ALA B 392 -2.36 -17.53 -21.30
N PRO B 393 -3.42 -18.16 -20.80
CA PRO B 393 -4.65 -17.45 -20.49
C PRO B 393 -4.43 -16.55 -19.28
N ASN B 394 -3.49 -16.92 -18.42
CA ASN B 394 -3.20 -16.17 -17.20
C ASN B 394 -1.70 -16.18 -17.00
N PHE B 395 -1.15 -15.05 -16.55
CA PHE B 395 0.30 -14.95 -16.26
C PHE B 395 0.39 -14.29 -14.87
N THR B 396 0.63 -15.10 -13.84
CA THR B 396 0.55 -14.58 -12.46
C THR B 396 1.89 -14.05 -12.07
N LEU B 397 1.92 -12.78 -11.60
CA LEU B 397 3.22 -12.22 -11.16
C LEU B 397 3.72 -12.92 -9.89
N SER B 398 5.05 -13.16 -9.85
CA SER B 398 5.78 -13.72 -8.68
C SER B 398 5.19 -13.18 -7.41
N TRP B 399 4.74 -14.04 -6.51
CA TRP B 399 3.96 -13.56 -5.34
C TRP B 399 4.65 -12.50 -4.48
N ASP B 400 5.96 -12.63 -4.31
CA ASP B 400 6.68 -11.68 -3.45
C ASP B 400 6.81 -10.31 -4.11
N GLN B 401 6.58 -10.23 -5.42
CA GLN B 401 6.54 -8.94 -6.11
C GLN B 401 5.09 -8.45 -6.28
N ALA B 402 4.14 -9.36 -6.22
CA ALA B 402 2.72 -9.04 -6.50
C ALA B 402 2.02 -8.53 -5.24
N VAL B 403 2.33 -9.09 -4.07
CA VAL B 403 1.62 -8.67 -2.85
C VAL B 403 2.04 -7.29 -2.44
N ASP B 404 1.22 -6.69 -1.57
CA ASP B 404 1.61 -5.41 -0.99
C ASP B 404 3.01 -5.53 -0.37
N PRO B 405 3.87 -4.50 -0.49
CA PRO B 405 5.23 -4.54 0.01
C PRO B 405 5.33 -5.00 1.50
N ASP B 406 4.38 -4.63 2.33
CA ASP B 406 4.49 -4.96 3.76
C ASP B 406 4.17 -6.45 4.02
N TRP B 407 3.62 -7.15 3.00
CA TRP B 407 3.51 -8.62 3.07
C TRP B 407 4.71 -9.40 2.53
N GLN B 408 5.58 -8.79 1.73
CA GLN B 408 6.60 -9.51 0.94
C GLN B 408 7.49 -10.33 1.84
N GLN B 409 8.11 -9.65 2.81
CA GLN B 409 9.06 -10.36 3.68
C GLN B 409 8.41 -11.35 4.67
N PRO B 410 7.35 -10.92 5.40
CA PRO B 410 6.62 -11.85 6.26
C PRO B 410 6.15 -13.11 5.49
N MET B 411 5.71 -12.92 4.24
CA MET B 411 5.35 -14.07 3.45
C MET B 411 6.55 -15.03 3.17
N LEU B 412 7.69 -14.48 2.75
CA LEU B 412 8.87 -15.33 2.46
C LEU B 412 9.32 -16.00 3.76
N THR B 413 9.25 -15.26 4.87
CA THR B 413 9.62 -15.89 6.16
C THR B 413 8.80 -17.15 6.41
N GLU B 414 7.47 -17.11 6.16
CA GLU B 414 6.61 -18.30 6.41
C GLU B 414 6.85 -19.38 5.36
N ILE B 415 7.13 -19.00 4.12
CA ILE B 415 7.48 -20.02 3.11
C ILE B 415 8.77 -20.81 3.51
N ASN B 416 9.79 -20.09 3.96
CA ASN B 416 10.99 -20.75 4.41
C ASN B 416 10.75 -21.73 5.60
N LYS B 417 9.98 -21.27 6.59
CA LYS B 417 9.59 -22.19 7.68
C LYS B 417 8.84 -23.41 7.19
N LEU B 418 7.99 -23.27 6.17
CA LEU B 418 7.38 -24.46 5.59
C LEU B 418 8.47 -25.41 5.03
N PHE B 419 9.36 -24.85 4.20
CA PHE B 419 10.35 -25.67 3.50
C PHE B 419 11.36 -26.32 4.44
N VAL B 420 11.71 -25.64 5.51
CA VAL B 420 12.64 -26.27 6.45
C VAL B 420 11.93 -27.13 7.51
N GLY B 421 10.61 -27.22 7.43
CA GLY B 421 9.85 -28.07 8.36
C GLY B 421 9.61 -27.45 9.72
N LYS B 422 9.90 -26.15 9.89
CA LYS B 422 9.53 -25.43 11.13
C LYS B 422 8.02 -25.19 11.26
N SER B 423 7.28 -25.19 10.15
CA SER B 423 5.83 -25.06 10.16
C SER B 423 5.21 -26.21 9.39
N SER B 424 4.14 -26.73 9.94
CA SER B 424 3.29 -27.68 9.25
C SER B 424 2.51 -26.91 8.15
N PRO B 425 1.86 -27.64 7.24
CA PRO B 425 1.10 -26.89 6.25
C PRO B 425 -0.03 -26.08 6.88
N GLU B 426 -0.69 -26.61 7.92
CA GLU B 426 -1.70 -25.81 8.64
C GLU B 426 -1.14 -24.61 9.37
N GLN B 427 0.04 -24.72 9.99
CA GLN B 427 0.67 -23.60 10.66
C GLN B 427 1.07 -22.50 9.68
N PHE B 428 1.54 -22.92 8.51
CA PHE B 428 1.88 -22.01 7.39
C PHE B 428 0.64 -21.21 6.99
N VAL B 429 -0.46 -21.91 6.73
CA VAL B 429 -1.73 -21.25 6.40
C VAL B 429 -2.19 -20.29 7.50
N SER B 430 -2.10 -20.75 8.76
CA SER B 430 -2.57 -19.92 9.85
C SER B 430 -1.73 -18.65 9.98
N ALA B 431 -0.39 -18.78 9.82
CA ALA B 431 0.47 -17.62 9.90
C ALA B 431 0.14 -16.58 8.81
N LEU B 432 -0.13 -17.05 7.59
CA LEU B 432 -0.41 -16.11 6.50
C LEU B 432 -1.77 -15.45 6.66
N LYS B 433 -2.71 -16.17 7.23
CA LYS B 433 -4.07 -15.61 7.47
C LYS B 433 -4.02 -14.46 8.45
N GLY B 434 -2.93 -14.38 9.21
CA GLY B 434 -2.73 -13.32 10.18
C GLY B 434 -2.01 -12.11 9.63
N LEU B 435 -1.72 -12.07 8.33
CA LEU B 435 -1.11 -10.86 7.74
C LEU B 435 -2.04 -9.67 7.76
O1 XYP C . -9.42 20.19 12.35
C1 XYP C . -9.24 19.18 11.34
C2 XYP C . -8.65 17.94 12.01
C3 XYP C . -8.61 16.85 10.94
C4 XYP C . -10.01 16.56 10.36
C5 XYP C . -10.61 17.89 9.84
O2 XYP C . -7.34 18.25 12.52
O3 XYP C . -8.20 15.65 11.56
O4 XYP C . -9.74 15.72 9.19
O5 XYP C . -10.64 18.85 10.92
C1 XYP C . -10.88 15.01 8.68
C2 XYP C . -10.30 14.40 7.39
C3 XYP C . -11.29 13.37 6.80
C4 XYP C . -11.65 12.38 7.91
C5 XYP C . -12.19 13.15 9.12
O2 XYP C . -10.12 15.47 6.44
O3 XYP C . -10.60 12.72 5.72
O4 XYP C . -12.65 11.44 7.49
O5 XYP C . -11.10 13.97 9.57
O1 XYP D . 17.74 -11.91 -14.00
C1 XYP D . 16.90 -11.56 -12.96
C2 XYP D . 15.53 -11.08 -13.50
C3 XYP D . 14.65 -10.81 -12.25
C4 XYP D . 14.55 -12.02 -11.34
C5 XYP D . 15.97 -12.63 -11.05
O2 XYP D . 15.71 -9.84 -14.15
O3 XYP D . 13.33 -10.43 -12.69
O4 XYP D . 13.98 -11.62 -10.07
O5 XYP D . 16.61 -12.82 -12.25
C1 XYP D . 13.28 -12.58 -9.32
C2 XYP D . 12.99 -11.76 -8.03
C3 XYP D . 12.10 -12.58 -7.09
C4 XYP D . 10.89 -13.17 -7.84
C5 XYP D . 11.46 -13.97 -9.04
O2 XYP D . 14.23 -11.47 -7.31
O3 XYP D . 11.67 -11.73 -5.99
O4 XYP D . 10.12 -14.08 -7.01
O5 XYP D . 12.08 -13.05 -9.90
#